data_6XIN
#
_entry.id   6XIN
#
_cell.length_a   182.300
_cell.length_b   59.480
_cell.length_c   67.165
_cell.angle_alpha   90.000
_cell.angle_beta   94.820
_cell.angle_gamma   90.000
#
_symmetry.space_group_name_H-M   'C 1 2 1'
#
loop_
_entity.id
_entity.type
_entity.pdbx_description
1 polymer 'Tryptophan synthase alpha chain'
2 polymer 'Tryptophan synthase beta chain'
3 non-polymer 'CHLORIDE ION'
4 non-polymer 'DIMETHYL SULFOXIDE'
5 non-polymer 1,2-ETHANEDIOL
6 non-polymer 'TRIETHYLENE GLYCOL'
7 non-polymer DI(HYDROXYETHYL)ETHER
8 non-polymer "PYRIDOXAL-5'-PHOSPHATE"
9 non-polymer (2R,3Z)-3-amino-3-imino-2-[(E)-phenyldiazenyl]propanamide
10 non-polymer 'CESIUM ION'
11 water water
#
loop_
_entity_poly.entity_id
_entity_poly.type
_entity_poly.pdbx_seq_one_letter_code
_entity_poly.pdbx_strand_id
1 'polypeptide(L)'
;MERYENLFAQLNDRREGAFVPFVTLGDPGIEQSLKIIDTLIDAGADALELGVPFSDPLADGPTIQNANLRAFAAGVTPAQ
CFEMLALIREKHPTIPIGLLMYANLVFNNGIDAFYARCEQVGVDSVLVADVPVEESAPFRQAALRHNIAPIFICPPNADD
DLLRQVASYGRGYTYLLSRSGVTGAENRGALPLHHLIEKLKEYHAAPALQGFGISSPEQVSAAVRAGAAGAISGSAIVKI
IEKNLASPKQMLAELRSFVSAMKAASRA
;
A
2 'polypeptide(L)'
;MTTLLNPYFGEFGGMYVPQILMPALNQLEEAFVSAQKDPEFQAQFADLLKNYAGRPTALTKCQNITAGTRTTLYLKREDL
LHGGAHKTNQVLGQALLAKRMGKSEIIAETGAGQHGVASALASALLGLKCRIYMGAKDVERQSPNVFRMRLMGAEVIPVH
SGSATLKDACNEALRDWSGSYETAHYMLGTAAGPHPYPTIVREFQRMIGEETKAQILDKEGRLPDAVIACVGGGSNAIGM
FADFINDTSVGLIGVEPGGHGIETGEHGAPLKHGRVGIYFGMKAPMMQTADGQIEESYSISAGLDFPSVGPQHAYLNSIG
RADYVSITDDEALEAFKTLCRHEGIIPALESSHALAHALKMMREQPEKEQLLVVNLSGRGDKDIFTVHDILKARGEI
;
B
#
loop_
_chem_comp.id
_chem_comp.type
_chem_comp.name
_chem_comp.formula
CL non-polymer 'CHLORIDE ION' 'Cl -1'
CS non-polymer 'CESIUM ION' 'Cs 1'
DMS non-polymer 'DIMETHYL SULFOXIDE' 'C2 H6 O S'
EDO non-polymer 1,2-ETHANEDIOL 'C2 H6 O2'
PEG non-polymer DI(HYDROXYETHYL)ETHER 'C4 H10 O3'
PGE non-polymer 'TRIETHYLENE GLYCOL' 'C6 H14 O4'
PLP non-polymer PYRIDOXAL-5'-PHOSPHATE 'C8 H10 N O6 P'
V41 non-polymer (2R,3Z)-3-amino-3-imino-2-[(E)-phenyldiazenyl]propanamide 'C9 H11 N5 O'
#
# COMPACT_ATOMS: atom_id res chain seq x y z
N MET A 1 -1.22 20.81 -22.63
CA MET A 1 -0.09 20.08 -23.22
C MET A 1 0.60 20.92 -24.33
N GLU A 2 -0.11 21.85 -25.00
CA GLU A 2 0.40 22.77 -26.08
C GLU A 2 1.66 23.54 -25.67
N ARG A 3 1.74 23.93 -24.40
CA ARG A 3 2.94 24.59 -23.88
C ARG A 3 4.16 23.68 -24.11
N TYR A 4 4.04 22.36 -23.91
CA TYR A 4 5.23 21.46 -24.07
C TYR A 4 5.63 21.42 -25.55
N GLU A 5 4.64 21.29 -26.44
N GLU A 5 4.66 21.33 -26.46
CA GLU A 5 4.87 21.30 -27.91
CA GLU A 5 4.95 21.26 -27.92
C GLU A 5 5.67 22.56 -28.26
C GLU A 5 5.59 22.58 -28.38
N ASN A 6 5.18 23.72 -27.82
CA ASN A 6 5.79 25.03 -28.16
C ASN A 6 7.20 25.08 -27.58
N LEU A 7 7.36 24.64 -26.34
CA LEU A 7 8.70 24.63 -25.69
C LEU A 7 9.66 23.79 -26.55
N PHE A 8 9.31 22.53 -26.85
CA PHE A 8 10.25 21.59 -27.50
C PHE A 8 10.58 22.10 -28.92
N ALA A 9 9.60 22.68 -29.59
CA ALA A 9 9.81 23.29 -30.94
C ALA A 9 10.86 24.41 -30.81
N GLN A 10 10.70 25.30 -29.82
CA GLN A 10 11.63 26.42 -29.54
C GLN A 10 13.01 25.85 -29.17
N LEU A 11 13.07 24.87 -28.29
CA LEU A 11 14.38 24.29 -27.89
C LEU A 11 15.04 23.62 -29.10
N ASN A 12 14.26 22.92 -29.94
CA ASN A 12 14.81 22.19 -31.12
C ASN A 12 15.44 23.19 -32.08
N ASP A 13 14.80 24.36 -32.28
N ASP A 13 14.81 24.36 -32.27
CA ASP A 13 15.31 25.45 -33.14
CA ASP A 13 15.33 25.44 -33.16
C ASP A 13 16.65 25.95 -32.57
C ASP A 13 16.61 26.05 -32.55
N ARG A 14 16.83 25.90 -31.25
CA ARG A 14 18.08 26.35 -30.57
C ARG A 14 19.03 25.18 -30.35
N ARG A 15 18.72 23.98 -30.86
CA ARG A 15 19.57 22.76 -30.66
C ARG A 15 19.83 22.59 -29.14
N GLU A 16 18.77 22.70 -28.32
CA GLU A 16 18.92 22.92 -26.86
C GLU A 16 18.07 21.87 -26.14
N GLY A 17 18.61 21.33 -25.04
CA GLY A 17 17.85 20.47 -24.12
C GLY A 17 16.98 21.28 -23.18
N ALA A 18 15.93 20.64 -22.63
CA ALA A 18 15.09 21.20 -21.53
C ALA A 18 15.76 20.88 -20.19
N PHE A 19 15.76 21.82 -19.26
CA PHE A 19 16.10 21.50 -17.87
C PHE A 19 14.88 21.75 -17.01
N VAL A 20 14.49 20.75 -16.23
CA VAL A 20 13.16 20.76 -15.53
C VAL A 20 13.41 20.39 -14.09
N PRO A 21 13.32 21.35 -13.17
CA PRO A 21 13.46 21.00 -11.75
C PRO A 21 12.12 20.53 -11.20
N PHE A 22 12.21 19.64 -10.19
CA PHE A 22 11.09 19.20 -9.33
C PHE A 22 11.19 19.88 -7.95
N VAL A 23 10.05 20.33 -7.41
CA VAL A 23 9.89 20.73 -5.99
C VAL A 23 8.50 20.34 -5.52
N THR A 24 8.41 20.16 -4.22
CA THR A 24 7.14 19.93 -3.51
C THR A 24 6.51 21.31 -3.26
N LEU A 25 5.28 21.50 -3.71
CA LEU A 25 4.54 22.75 -3.43
C LEU A 25 4.41 22.94 -1.92
N GLY A 26 4.77 24.13 -1.40
CA GLY A 26 4.59 24.49 0.02
C GLY A 26 5.72 24.01 0.90
N ASP A 27 6.80 23.48 0.31
CA ASP A 27 8.04 23.10 1.03
C ASP A 27 8.98 24.28 0.91
N PRO A 28 9.41 24.97 2.01
CA PRO A 28 9.07 24.62 3.41
C PRO A 28 7.85 25.34 3.98
N GLY A 29 7.33 26.34 3.26
CA GLY A 29 5.98 26.87 3.49
C GLY A 29 5.48 27.48 2.21
N ILE A 30 4.27 28.04 2.21
CA ILE A 30 3.65 28.52 0.95
C ILE A 30 4.47 29.71 0.41
N GLU A 31 4.74 30.76 1.20
CA GLU A 31 5.42 31.96 0.64
C GLU A 31 6.84 31.61 0.17
N GLN A 32 7.62 30.85 0.93
CA GLN A 32 9.02 30.54 0.53
C GLN A 32 8.97 29.64 -0.73
N SER A 33 7.98 28.76 -0.85
CA SER A 33 7.79 27.89 -2.03
C SER A 33 7.53 28.73 -3.29
N LEU A 34 6.64 29.72 -3.17
CA LEU A 34 6.36 30.62 -4.30
C LEU A 34 7.67 31.31 -4.68
N LYS A 35 8.51 31.71 -3.73
CA LYS A 35 9.74 32.45 -4.08
C LYS A 35 10.73 31.49 -4.71
N ILE A 36 10.86 30.29 -4.15
CA ILE A 36 11.72 29.19 -4.71
C ILE A 36 11.36 28.99 -6.19
N ILE A 37 10.08 28.83 -6.49
CA ILE A 37 9.61 28.49 -7.87
C ILE A 37 9.95 29.67 -8.78
N ASP A 38 9.63 30.90 -8.37
CA ASP A 38 10.02 32.07 -9.20
C ASP A 38 11.53 32.09 -9.40
N THR A 39 12.33 31.68 -8.40
CA THR A 39 13.81 31.70 -8.52
C THR A 39 14.24 30.62 -9.53
N LEU A 40 13.61 29.45 -9.49
CA LEU A 40 13.90 28.35 -10.48
C LEU A 40 13.63 28.86 -11.89
N ILE A 41 12.49 29.53 -12.09
CA ILE A 41 12.18 30.09 -13.44
C ILE A 41 13.18 31.19 -13.82
N ASP A 42 13.46 32.15 -12.93
CA ASP A 42 14.34 33.30 -13.30
C ASP A 42 15.73 32.75 -13.65
N ALA A 43 16.12 31.63 -13.06
CA ALA A 43 17.44 30.99 -13.22
C ALA A 43 17.53 30.23 -14.56
N GLY A 44 16.42 29.94 -15.22
CA GLY A 44 16.40 29.29 -16.55
C GLY A 44 15.68 27.95 -16.61
N ALA A 45 14.93 27.52 -15.59
CA ALA A 45 14.08 26.33 -15.74
C ALA A 45 13.24 26.48 -17.01
N ASP A 46 13.21 25.43 -17.83
CA ASP A 46 12.37 25.38 -19.06
C ASP A 46 10.92 25.00 -18.74
N ALA A 47 10.71 24.23 -17.68
CA ALA A 47 9.37 23.75 -17.25
C ALA A 47 9.51 23.42 -15.79
N LEU A 48 8.38 23.17 -15.15
CA LEU A 48 8.39 22.77 -13.74
C LEU A 48 7.69 21.43 -13.57
N GLU A 49 8.18 20.62 -12.64
N GLU A 49 8.14 20.67 -12.57
CA GLU A 49 7.42 19.49 -12.07
CA GLU A 49 7.48 19.45 -12.06
C GLU A 49 7.18 19.83 -10.60
C GLU A 49 7.20 19.66 -10.57
N LEU A 50 5.93 19.74 -10.20
CA LEU A 50 5.50 20.22 -8.87
C LEU A 50 4.72 19.11 -8.18
N GLY A 51 5.07 18.81 -6.94
CA GLY A 51 4.42 17.74 -6.18
C GLY A 51 3.38 18.31 -5.25
N VAL A 52 2.31 17.57 -5.01
CA VAL A 52 1.26 17.96 -4.00
C VAL A 52 1.49 17.08 -2.78
N PRO A 53 1.72 17.66 -1.59
CA PRO A 53 1.90 16.84 -0.38
C PRO A 53 0.77 15.83 -0.15
N PHE A 54 1.16 14.57 0.14
CA PHE A 54 0.26 13.41 0.31
C PHE A 54 0.70 12.62 1.55
N SER A 55 -0.27 12.08 2.28
CA SER A 55 -0.10 11.41 3.59
C SER A 55 0.85 10.21 3.45
N ASP A 56 0.86 9.56 2.27
CA ASP A 56 1.48 8.21 2.13
C ASP A 56 2.18 8.13 0.77
N PRO A 57 3.25 8.91 0.55
CA PRO A 57 3.92 8.98 -0.75
C PRO A 57 4.86 7.78 -0.96
N LEU A 58 4.32 6.58 -1.22
CA LEU A 58 5.14 5.34 -1.20
C LEU A 58 6.17 5.35 -2.35
N ALA A 59 6.07 6.23 -3.37
CA ALA A 59 6.88 6.16 -4.61
C ALA A 59 8.10 7.10 -4.58
N ASP A 60 8.35 7.81 -3.47
CA ASP A 60 9.42 8.86 -3.42
C ASP A 60 10.56 8.42 -2.50
N GLY A 61 11.80 8.76 -2.87
CA GLY A 61 12.98 8.55 -2.01
C GLY A 61 12.97 9.43 -0.75
N PRO A 62 14.00 9.32 0.10
CA PRO A 62 14.00 9.99 1.40
C PRO A 62 13.94 11.53 1.33
N THR A 63 14.66 12.11 0.37
CA THR A 63 14.79 13.59 0.23
C THR A 63 13.40 14.18 0.00
N ILE A 64 12.64 13.59 -0.92
CA ILE A 64 11.23 13.98 -1.17
C ILE A 64 10.31 13.48 -0.05
N GLN A 65 10.56 12.36 0.61
CA GLN A 65 9.72 11.98 1.79
C GLN A 65 9.78 13.13 2.80
N ASN A 66 10.97 13.73 3.00
CA ASN A 66 11.19 14.78 4.02
C ASN A 66 10.64 16.15 3.55
N ALA A 67 10.71 16.46 2.25
CA ALA A 67 10.03 17.66 1.66
C ALA A 67 8.51 17.59 1.90
N ASN A 68 7.92 16.45 1.65
CA ASN A 68 6.50 16.16 1.90
C ASN A 68 6.19 16.47 3.38
N LEU A 69 7.02 15.98 4.31
CA LEU A 69 6.76 16.18 5.77
C LEU A 69 6.85 17.65 6.14
N ARG A 70 7.83 18.39 5.64
CA ARG A 70 7.96 19.84 5.93
C ARG A 70 6.67 20.53 5.47
N ALA A 71 6.18 20.18 4.26
CA ALA A 71 5.00 20.85 3.66
C ALA A 71 3.76 20.52 4.49
N PHE A 72 3.62 19.29 4.96
N PHE A 72 3.62 19.26 4.92
CA PHE A 72 2.57 18.94 5.95
CA PHE A 72 2.61 18.80 5.93
C PHE A 72 2.74 19.76 7.23
C PHE A 72 2.75 19.62 7.22
N ALA A 73 3.96 19.84 7.75
CA ALA A 73 4.23 20.58 9.01
C ALA A 73 3.74 22.02 8.88
N ALA A 74 3.89 22.59 7.69
CA ALA A 74 3.38 23.94 7.39
C ALA A 74 1.86 23.86 7.20
N GLY A 75 1.24 22.68 7.16
CA GLY A 75 -0.24 22.48 7.04
C GLY A 75 -0.76 22.65 5.62
N VAL A 76 0.12 22.42 4.64
CA VAL A 76 -0.19 22.66 3.21
C VAL A 76 -1.18 21.59 2.72
N THR A 77 -2.29 22.03 2.14
CA THR A 77 -3.40 21.20 1.61
C THR A 77 -3.44 21.22 0.09
N PRO A 78 -4.08 20.21 -0.54
CA PRO A 78 -4.32 20.27 -1.98
C PRO A 78 -5.01 21.55 -2.48
N ALA A 79 -6.03 22.02 -1.76
CA ALA A 79 -6.69 23.28 -2.14
C ALA A 79 -5.67 24.42 -2.16
N GLN A 80 -4.77 24.50 -1.18
CA GLN A 80 -3.78 25.60 -1.16
C GLN A 80 -2.80 25.39 -2.31
N CYS A 81 -2.44 24.14 -2.61
CA CYS A 81 -1.56 23.84 -3.78
C CYS A 81 -2.19 24.37 -5.07
N PHE A 82 -3.50 24.17 -5.27
CA PHE A 82 -4.20 24.64 -6.49
C PHE A 82 -4.28 26.18 -6.53
N GLU A 83 -4.44 26.85 -5.39
CA GLU A 83 -4.33 28.33 -5.32
C GLU A 83 -2.90 28.73 -5.74
N MET A 84 -1.89 28.03 -5.26
CA MET A 84 -0.47 28.33 -5.61
C MET A 84 -0.28 28.17 -7.12
N LEU A 85 -0.83 27.09 -7.70
CA LEU A 85 -0.65 26.82 -9.13
C LEU A 85 -1.29 27.95 -9.95
N ALA A 86 -2.50 28.40 -9.60
CA ALA A 86 -3.13 29.53 -10.30
C ALA A 86 -2.21 30.76 -10.25
N LEU A 87 -1.58 31.04 -9.12
CA LEU A 87 -0.71 32.23 -8.94
C LEU A 87 0.55 32.07 -9.81
N ILE A 88 1.11 30.87 -9.85
CA ILE A 88 2.32 30.60 -10.68
C ILE A 88 1.99 30.83 -12.16
N ARG A 89 0.90 30.25 -12.65
CA ARG A 89 0.51 30.39 -14.07
C ARG A 89 0.23 31.89 -14.39
N GLU A 90 -0.43 32.57 -13.48
CA GLU A 90 -0.83 33.98 -13.69
C GLU A 90 0.43 34.83 -13.86
N LYS A 91 1.57 34.43 -13.30
CA LYS A 91 2.87 35.16 -13.34
C LYS A 91 3.68 34.78 -14.56
N HIS A 92 3.47 33.57 -15.09
CA HIS A 92 4.39 32.95 -16.07
C HIS A 92 3.56 32.28 -17.14
N PRO A 93 3.26 32.93 -18.27
CA PRO A 93 2.22 32.41 -19.15
C PRO A 93 2.59 31.20 -20.01
N THR A 94 3.87 31.02 -20.33
CA THR A 94 4.30 30.00 -21.33
C THR A 94 4.97 28.79 -20.68
N ILE A 95 5.50 28.90 -19.46
CA ILE A 95 6.30 27.79 -18.90
C ILE A 95 5.38 26.60 -18.69
N PRO A 96 5.74 25.39 -19.18
CA PRO A 96 4.94 24.21 -18.91
C PRO A 96 4.99 23.86 -17.43
N ILE A 97 3.81 23.65 -16.85
CA ILE A 97 3.70 23.21 -15.44
C ILE A 97 3.19 21.76 -15.42
N GLY A 98 3.97 20.85 -14.85
CA GLY A 98 3.52 19.47 -14.65
C GLY A 98 3.36 19.15 -13.19
N LEU A 99 2.30 18.40 -12.85
CA LEU A 99 2.08 17.90 -11.46
C LEU A 99 2.57 16.46 -11.32
N LEU A 100 3.11 16.16 -10.14
CA LEU A 100 3.41 14.77 -9.70
C LEU A 100 2.41 14.47 -8.58
N MET A 101 1.44 13.64 -8.90
CA MET A 101 0.29 13.34 -8.03
C MET A 101 0.32 11.88 -7.60
N TYR A 102 -0.35 11.58 -6.49
CA TYR A 102 -0.73 10.23 -6.07
C TYR A 102 -2.19 10.04 -6.42
N ALA A 103 -2.56 8.82 -6.82
CA ALA A 103 -3.87 8.45 -7.34
C ALA A 103 -4.96 8.91 -6.37
N ASN A 104 -4.78 8.78 -5.06
CA ASN A 104 -5.93 9.06 -4.17
C ASN A 104 -6.35 10.54 -4.31
N LEU A 105 -5.39 11.45 -4.41
CA LEU A 105 -5.69 12.91 -4.47
C LEU A 105 -6.41 13.21 -5.80
N VAL A 106 -6.15 12.41 -6.83
CA VAL A 106 -6.80 12.57 -8.16
C VAL A 106 -8.21 11.96 -8.12
N PHE A 107 -8.34 10.79 -7.50
CA PHE A 107 -9.62 10.08 -7.43
C PHE A 107 -10.57 10.71 -6.40
N ASN A 108 -10.06 11.42 -5.40
CA ASN A 108 -10.80 11.75 -4.15
C ASN A 108 -12.17 12.37 -4.41
N ASN A 109 -12.22 13.43 -5.21
CA ASN A 109 -13.50 14.16 -5.48
C ASN A 109 -13.93 13.94 -6.92
N GLY A 110 -13.49 12.83 -7.54
CA GLY A 110 -13.81 12.53 -8.95
C GLY A 110 -12.61 12.82 -9.83
N ILE A 111 -12.23 11.83 -10.62
CA ILE A 111 -11.05 11.95 -11.53
C ILE A 111 -11.34 13.09 -12.48
N ASP A 112 -12.51 13.13 -13.08
CA ASP A 112 -12.82 14.18 -14.08
C ASP A 112 -12.68 15.57 -13.45
N ALA A 113 -13.26 15.76 -12.27
CA ALA A 113 -13.24 17.06 -11.56
C ALA A 113 -11.79 17.48 -11.27
N PHE A 114 -10.94 16.54 -10.90
CA PHE A 114 -9.49 16.83 -10.65
C PHE A 114 -8.85 17.45 -11.90
N TYR A 115 -9.02 16.84 -13.05
CA TYR A 115 -8.37 17.33 -14.30
C TYR A 115 -9.07 18.63 -14.74
N ALA A 116 -10.37 18.79 -14.47
CA ALA A 116 -11.07 20.06 -14.75
C ALA A 116 -10.41 21.17 -13.94
N ARG A 117 -10.08 20.88 -12.68
CA ARG A 117 -9.43 21.91 -11.82
C ARG A 117 -8.00 22.20 -12.34
N CYS A 118 -7.28 21.18 -12.75
CA CYS A 118 -5.95 21.36 -13.40
C CYS A 118 -6.06 22.33 -14.58
N GLU A 119 -7.04 22.13 -15.43
CA GLU A 119 -7.22 22.99 -16.62
C GLU A 119 -7.54 24.43 -16.18
N GLN A 120 -8.44 24.60 -15.22
CA GLN A 120 -8.83 25.94 -14.74
C GLN A 120 -7.57 26.71 -14.23
N VAL A 121 -6.64 26.08 -13.54
CA VAL A 121 -5.47 26.81 -12.95
C VAL A 121 -4.31 26.86 -13.94
N GLY A 122 -4.38 26.16 -15.07
CA GLY A 122 -3.38 26.32 -16.14
C GLY A 122 -2.25 25.31 -16.04
N VAL A 123 -2.49 24.19 -15.37
CA VAL A 123 -1.57 23.01 -15.43
C VAL A 123 -1.54 22.39 -16.84
N ASP A 124 -0.35 21.96 -17.29
CA ASP A 124 -0.18 21.34 -18.63
C ASP A 124 -0.08 19.81 -18.59
N SER A 125 0.40 19.21 -17.52
CA SER A 125 0.59 17.74 -17.48
C SER A 125 0.38 17.18 -16.08
N VAL A 126 0.11 15.90 -16.01
CA VAL A 126 -0.04 15.20 -14.71
C VAL A 126 0.60 13.84 -14.85
N LEU A 127 1.53 13.53 -13.93
CA LEU A 127 2.11 12.19 -13.75
C LEU A 127 1.52 11.66 -12.45
N VAL A 128 0.79 10.58 -12.55
CA VAL A 128 0.22 9.94 -11.34
C VAL A 128 1.17 8.80 -10.98
N ALA A 129 1.90 8.95 -9.89
CA ALA A 129 3.07 8.12 -9.54
C ALA A 129 2.68 6.64 -9.31
N ASP A 130 1.47 6.37 -8.82
CA ASP A 130 1.07 4.97 -8.54
C ASP A 130 0.01 4.47 -9.52
N VAL A 131 -0.01 4.99 -10.74
CA VAL A 131 -0.93 4.47 -11.77
C VAL A 131 -0.05 3.99 -12.91
N PRO A 132 0.15 2.67 -13.08
CA PRO A 132 0.89 2.16 -14.21
C PRO A 132 0.03 2.26 -15.47
N VAL A 133 0.66 2.14 -16.66
CA VAL A 133 -0.14 2.26 -17.91
C VAL A 133 -1.30 1.27 -17.93
N GLU A 134 -1.15 0.09 -17.31
CA GLU A 134 -2.21 -0.95 -17.24
C GLU A 134 -3.46 -0.39 -16.55
N GLU A 135 -3.35 0.58 -15.65
CA GLU A 135 -4.50 1.10 -14.86
C GLU A 135 -4.89 2.51 -15.34
N SER A 136 -4.27 3.00 -16.42
CA SER A 136 -4.24 4.46 -16.68
C SER A 136 -5.50 4.99 -17.37
N ALA A 137 -6.33 4.12 -17.94
CA ALA A 137 -7.42 4.54 -18.86
C ALA A 137 -8.18 5.75 -18.33
N PRO A 138 -8.83 5.70 -17.15
CA PRO A 138 -9.66 6.83 -16.76
C PRO A 138 -8.88 8.09 -16.47
N PHE A 139 -7.61 7.96 -16.07
CA PHE A 139 -6.73 9.12 -15.82
C PHE A 139 -6.39 9.79 -17.16
N ARG A 140 -5.90 9.03 -18.11
CA ARG A 140 -5.47 9.60 -19.43
C ARG A 140 -6.68 10.18 -20.17
N GLN A 141 -7.82 9.52 -20.10
CA GLN A 141 -9.07 10.01 -20.72
C GLN A 141 -9.44 11.38 -20.11
N ALA A 142 -9.51 11.47 -18.78
CA ALA A 142 -9.89 12.72 -18.11
C ALA A 142 -8.86 13.79 -18.46
N ALA A 143 -7.58 13.41 -18.48
CA ALA A 143 -6.48 14.35 -18.77
C ALA A 143 -6.75 14.98 -20.14
N LEU A 144 -6.96 14.14 -21.14
CA LEU A 144 -7.04 14.59 -22.54
C LEU A 144 -8.31 15.44 -22.70
N ARG A 145 -9.40 15.10 -22.01
CA ARG A 145 -10.67 15.87 -22.14
C ARG A 145 -10.47 17.29 -21.60
N HIS A 146 -9.54 17.47 -20.68
CA HIS A 146 -9.23 18.80 -20.09
C HIS A 146 -7.91 19.36 -20.63
N ASN A 147 -7.42 18.87 -21.76
CA ASN A 147 -6.23 19.44 -22.44
C ASN A 147 -4.99 19.30 -21.55
N ILE A 148 -4.94 18.23 -20.77
CA ILE A 148 -3.81 17.95 -19.86
C ILE A 148 -3.05 16.76 -20.48
N ALA A 149 -1.72 16.87 -20.56
CA ALA A 149 -0.89 15.76 -21.00
C ALA A 149 -0.80 14.73 -19.88
N PRO A 150 -1.10 13.47 -20.15
CA PRO A 150 -0.76 12.39 -19.20
C PRO A 150 0.69 11.90 -19.42
N ILE A 151 1.48 11.97 -18.34
CA ILE A 151 2.94 11.69 -18.35
C ILE A 151 3.10 10.28 -17.84
N PHE A 152 3.79 9.45 -18.59
CA PHE A 152 4.14 8.06 -18.16
C PHE A 152 5.63 7.93 -17.96
N ILE A 153 5.95 7.10 -16.94
CA ILE A 153 7.35 6.68 -16.68
C ILE A 153 7.67 5.48 -17.57
N CYS A 154 8.83 5.54 -18.23
CA CYS A 154 9.43 4.43 -18.97
C CYS A 154 10.61 3.96 -18.12
N PRO A 155 10.48 2.82 -17.41
CA PRO A 155 11.45 2.48 -16.37
C PRO A 155 12.59 1.76 -17.06
N PRO A 156 13.63 1.40 -16.27
CA PRO A 156 14.80 0.72 -16.82
C PRO A 156 14.43 -0.71 -17.20
N ASN A 157 13.43 -1.32 -16.51
CA ASN A 157 12.94 -2.69 -16.78
C ASN A 157 11.80 -2.69 -17.82
N ALA A 158 11.65 -1.66 -18.68
CA ALA A 158 10.68 -1.65 -19.82
C ALA A 158 10.98 -2.76 -20.83
N ASP A 159 9.93 -3.30 -21.47
CA ASP A 159 9.97 -4.20 -22.65
C ASP A 159 9.31 -3.48 -23.82
N ASP A 160 9.21 -4.15 -24.98
CA ASP A 160 8.74 -3.54 -26.23
C ASP A 160 7.26 -3.15 -26.11
N ASP A 161 6.44 -4.01 -25.51
CA ASP A 161 5.00 -3.73 -25.26
C ASP A 161 4.87 -2.43 -24.45
N LEU A 162 5.69 -2.26 -23.43
CA LEU A 162 5.60 -1.06 -22.58
C LEU A 162 6.03 0.18 -23.36
N LEU A 163 7.09 0.11 -24.19
CA LEU A 163 7.54 1.26 -25.00
C LEU A 163 6.41 1.70 -25.95
N ARG A 164 5.73 0.77 -26.58
CA ARG A 164 4.61 1.04 -27.51
C ARG A 164 3.43 1.64 -26.76
N GLN A 165 3.16 1.19 -25.54
CA GLN A 165 2.01 1.72 -24.78
C GLN A 165 2.33 3.15 -24.34
N VAL A 166 3.48 3.32 -23.71
CA VAL A 166 3.95 4.67 -23.29
C VAL A 166 3.93 5.56 -24.54
N ALA A 167 4.41 5.08 -25.68
CA ALA A 167 4.54 5.94 -26.89
C ALA A 167 3.15 6.39 -27.33
N SER A 168 2.22 5.45 -27.32
CA SER A 168 0.82 5.66 -27.75
C SER A 168 0.07 6.59 -26.78
N TYR A 169 0.14 6.34 -25.47
CA TYR A 169 -0.76 6.92 -24.45
C TYR A 169 -0.26 8.27 -23.90
N GLY A 170 1.05 8.49 -23.88
CA GLY A 170 1.66 9.71 -23.31
C GLY A 170 1.49 10.93 -24.19
N ARG A 171 1.60 12.12 -23.57
CA ARG A 171 1.69 13.42 -24.25
C ARG A 171 2.66 14.27 -23.47
N GLY A 172 3.10 15.38 -24.08
CA GLY A 172 3.89 16.37 -23.34
C GLY A 172 5.32 15.91 -23.31
N TYR A 173 5.67 14.98 -22.44
CA TYR A 173 7.00 14.35 -22.49
C TYR A 173 6.91 12.91 -21.96
N THR A 174 7.89 12.10 -22.24
CA THR A 174 8.00 10.73 -21.68
C THR A 174 8.97 10.87 -20.52
N TYR A 175 8.64 10.33 -19.35
CA TYR A 175 9.51 10.46 -18.18
C TYR A 175 10.41 9.23 -18.19
N LEU A 176 11.70 9.40 -18.56
CA LEU A 176 12.61 8.25 -18.77
C LEU A 176 13.37 8.04 -17.46
N LEU A 177 13.30 6.85 -16.88
CA LEU A 177 14.18 6.48 -15.74
C LEU A 177 15.17 5.43 -16.24
N SER A 178 16.37 5.84 -16.64
CA SER A 178 17.47 4.89 -16.97
C SER A 178 18.27 4.62 -15.69
N ARG A 179 17.59 4.03 -14.68
CA ARG A 179 18.05 3.75 -13.29
C ARG A 179 19.32 2.90 -13.31
N ALA A 190 18.12 -4.88 -18.32
CA ALA A 190 17.82 -3.45 -18.54
C ALA A 190 18.40 -3.00 -19.89
N LEU A 191 17.52 -2.73 -20.87
CA LEU A 191 17.86 -2.33 -22.27
C LEU A 191 18.69 -1.04 -22.23
N PRO A 192 19.66 -0.82 -23.15
CA PRO A 192 20.52 0.37 -23.09
C PRO A 192 19.73 1.68 -23.24
N LEU A 193 20.34 2.78 -22.80
CA LEU A 193 19.76 4.15 -22.89
C LEU A 193 19.47 4.48 -24.36
N HIS A 194 20.48 4.24 -25.22
CA HIS A 194 20.47 4.43 -26.70
C HIS A 194 19.20 3.83 -27.27
N HIS A 195 19.02 2.54 -27.02
CA HIS A 195 17.90 1.69 -27.49
C HIS A 195 16.58 2.35 -27.07
N LEU A 196 16.39 2.65 -25.77
CA LEU A 196 15.09 3.19 -25.27
C LEU A 196 14.79 4.48 -26.03
N ILE A 197 15.73 5.41 -26.10
CA ILE A 197 15.47 6.75 -26.71
C ILE A 197 15.15 6.53 -28.20
N GLU A 198 15.95 5.72 -28.88
CA GLU A 198 15.75 5.39 -30.32
C GLU A 198 14.34 4.82 -30.52
N LYS A 199 13.95 3.83 -29.72
CA LYS A 199 12.65 3.10 -29.86
C LYS A 199 11.50 4.05 -29.54
N LEU A 200 11.60 4.86 -28.49
CA LEU A 200 10.53 5.86 -28.22
C LEU A 200 10.37 6.78 -29.45
N LYS A 201 11.47 7.22 -30.04
CA LYS A 201 11.37 8.12 -31.22
C LYS A 201 10.69 7.40 -32.39
N GLU A 202 11.03 6.12 -32.58
CA GLU A 202 10.50 5.24 -33.65
C GLU A 202 9.01 5.09 -33.46
N TYR A 203 8.56 5.00 -32.21
CA TYR A 203 7.14 4.85 -31.88
C TYR A 203 6.43 6.20 -31.76
N HIS A 204 7.11 7.33 -32.06
CA HIS A 204 6.50 8.68 -32.07
C HIS A 204 6.00 9.01 -30.64
N ALA A 205 6.76 8.61 -29.64
CA ALA A 205 6.45 8.96 -28.25
C ALA A 205 6.61 10.48 -28.08
N ALA A 206 6.02 11.01 -27.03
CA ALA A 206 6.33 12.35 -26.51
C ALA A 206 7.84 12.44 -26.28
N PRO A 207 8.46 13.62 -26.46
CA PRO A 207 9.91 13.74 -26.27
C PRO A 207 10.34 13.29 -24.86
N ALA A 208 11.47 12.58 -24.80
CA ALA A 208 11.97 11.94 -23.55
C ALA A 208 12.74 12.97 -22.70
N LEU A 209 12.40 13.00 -21.41
CA LEU A 209 13.19 13.69 -20.38
C LEU A 209 13.80 12.62 -19.49
N GLN A 210 15.13 12.61 -19.39
CA GLN A 210 15.85 11.71 -18.46
C GLN A 210 15.62 12.20 -17.02
N GLY A 211 15.03 11.36 -16.18
CA GLY A 211 14.75 11.68 -14.78
C GLY A 211 15.59 10.91 -13.76
N PHE A 212 16.46 9.98 -14.16
CA PHE A 212 17.30 9.23 -13.19
C PHE A 212 18.62 9.97 -12.91
N GLY A 213 18.83 10.28 -11.64
CA GLY A 213 20.10 10.75 -11.04
C GLY A 213 20.63 12.02 -11.67
N ILE A 214 19.79 13.03 -11.86
CA ILE A 214 20.27 14.25 -12.58
C ILE A 214 20.65 15.26 -11.52
N SER A 215 21.90 15.27 -11.10
CA SER A 215 22.32 16.13 -9.99
C SER A 215 23.51 17.01 -10.38
N SER A 216 24.02 16.85 -11.61
CA SER A 216 25.20 17.65 -12.05
C SER A 216 25.04 18.07 -13.51
N PRO A 217 25.72 19.16 -13.88
CA PRO A 217 25.71 19.63 -15.26
C PRO A 217 26.11 18.54 -16.28
N GLU A 218 27.09 17.73 -15.95
CA GLU A 218 27.59 16.73 -16.93
C GLU A 218 26.47 15.74 -17.24
N GLN A 219 25.56 15.49 -16.29
CA GLN A 219 24.46 14.51 -16.52
C GLN A 219 23.44 15.14 -17.46
N VAL A 220 23.28 16.45 -17.44
CA VAL A 220 22.29 17.11 -18.35
C VAL A 220 22.85 17.02 -19.79
N SER A 221 24.11 17.37 -19.97
N SER A 221 24.11 17.39 -19.99
CA SER A 221 24.76 17.28 -21.31
CA SER A 221 24.77 17.29 -21.31
C SER A 221 24.71 15.84 -21.81
C SER A 221 24.70 15.84 -21.81
N ALA A 222 24.97 14.86 -20.95
CA ALA A 222 24.98 13.43 -21.34
C ALA A 222 23.57 13.03 -21.81
N ALA A 223 22.52 13.52 -21.14
CA ALA A 223 21.15 13.17 -21.51
C ALA A 223 20.84 13.70 -22.91
N VAL A 224 21.18 14.96 -23.17
CA VAL A 224 20.99 15.57 -24.52
C VAL A 224 21.83 14.81 -25.56
N ARG A 225 23.07 14.48 -25.21
CA ARG A 225 23.98 13.76 -26.15
C ARG A 225 23.40 12.38 -26.49
N ALA A 226 22.74 11.74 -25.52
CA ALA A 226 22.13 10.41 -25.73
C ALA A 226 20.89 10.50 -26.64
N GLY A 227 20.36 11.68 -26.92
CA GLY A 227 19.20 11.83 -27.83
C GLY A 227 17.92 12.21 -27.06
N ALA A 228 18.01 12.39 -25.76
CA ALA A 228 16.83 12.87 -24.97
C ALA A 228 16.63 14.37 -25.23
N ALA A 229 15.41 14.84 -25.05
CA ALA A 229 15.00 16.25 -25.23
C ALA A 229 15.38 17.07 -23.99
N GLY A 230 15.82 16.40 -22.93
CA GLY A 230 16.17 17.14 -21.71
C GLY A 230 16.26 16.24 -20.50
N ALA A 231 16.37 16.87 -19.36
CA ALA A 231 16.62 16.23 -18.06
C ALA A 231 15.70 16.82 -17.00
N ILE A 232 15.27 15.96 -16.06
CA ILE A 232 14.54 16.37 -14.84
C ILE A 232 15.40 16.10 -13.63
N SER A 233 15.56 17.10 -12.77
N SER A 233 15.59 17.12 -12.79
CA SER A 233 16.31 16.98 -11.50
CA SER A 233 16.26 17.02 -11.47
C SER A 233 15.28 16.72 -10.41
C SER A 233 15.17 16.71 -10.45
N GLY A 234 15.07 15.42 -10.11
CA GLY A 234 13.99 14.79 -9.34
C GLY A 234 14.10 15.04 -7.85
N SER A 235 15.34 15.23 -7.30
CA SER A 235 15.59 15.48 -5.86
C SER A 235 16.72 16.48 -5.54
N ALA A 236 17.66 16.81 -6.46
CA ALA A 236 18.81 17.69 -6.13
C ALA A 236 18.35 19.11 -5.73
N ILE A 237 17.25 19.59 -6.29
CA ILE A 237 16.68 20.93 -5.96
C ILE A 237 16.19 20.85 -4.52
N VAL A 238 15.52 19.77 -4.16
CA VAL A 238 14.89 19.58 -2.82
C VAL A 238 16.00 19.44 -1.77
N LYS A 239 17.13 18.81 -2.13
CA LYS A 239 18.30 18.68 -1.21
C LYS A 239 18.79 20.10 -0.86
N ILE A 240 18.80 21.02 -1.84
CA ILE A 240 19.30 22.42 -1.63
C ILE A 240 18.35 23.14 -0.67
N ILE A 241 17.04 22.88 -0.74
CA ILE A 241 16.08 23.44 0.25
C ILE A 241 16.38 22.82 1.64
N GLU A 242 16.33 21.50 1.73
CA GLU A 242 16.61 20.77 3.00
C GLU A 242 17.88 21.36 3.65
N LYS A 243 18.90 21.70 2.85
CA LYS A 243 20.25 22.13 3.30
C LYS A 243 20.26 23.55 3.87
N ASN A 244 19.33 24.41 3.45
CA ASN A 244 19.39 25.87 3.69
C ASN A 244 18.16 26.37 4.45
N LEU A 245 17.45 25.50 5.15
CA LEU A 245 16.17 25.87 5.80
C LEU A 245 16.36 27.07 6.75
N ALA A 246 17.55 27.21 7.35
CA ALA A 246 17.86 28.26 8.35
C ALA A 246 18.11 29.61 7.67
N SER A 247 18.59 29.63 6.43
CA SER A 247 18.87 30.87 5.67
C SER A 247 18.09 30.86 4.35
N PRO A 248 16.82 31.32 4.35
CA PRO A 248 16.03 31.41 3.13
C PRO A 248 16.75 32.16 2.02
N LYS A 249 17.54 33.19 2.34
CA LYS A 249 18.15 34.02 1.28
C LYS A 249 19.24 33.19 0.58
N GLN A 250 20.08 32.50 1.36
CA GLN A 250 21.14 31.59 0.84
C GLN A 250 20.44 30.45 0.06
N MET A 251 19.29 29.98 0.53
CA MET A 251 18.53 28.91 -0.19
C MET A 251 18.33 29.37 -1.64
N LEU A 252 17.75 30.56 -1.81
CA LEU A 252 17.42 31.12 -3.14
C LEU A 252 18.71 31.35 -3.94
N ALA A 253 19.81 31.76 -3.32
CA ALA A 253 21.09 31.99 -4.04
C ALA A 253 21.66 30.66 -4.56
N GLU A 254 21.67 29.61 -3.74
CA GLU A 254 22.19 28.28 -4.13
C GLU A 254 21.26 27.67 -5.19
N LEU A 255 19.95 27.88 -5.08
CA LEU A 255 18.99 27.36 -6.10
C LEU A 255 19.30 28.05 -7.42
N ARG A 256 19.45 29.37 -7.40
CA ARG A 256 19.72 30.11 -8.66
C ARG A 256 21.05 29.63 -9.28
N SER A 257 22.10 29.47 -8.50
CA SER A 257 23.40 29.12 -9.13
C SER A 257 23.39 27.66 -9.63
N PHE A 258 22.72 26.75 -8.90
CA PHE A 258 22.51 25.35 -9.35
C PHE A 258 21.67 25.29 -10.65
N VAL A 259 20.49 25.89 -10.69
CA VAL A 259 19.65 25.88 -11.92
C VAL A 259 20.39 26.57 -13.08
N SER A 260 21.06 27.70 -12.86
CA SER A 260 21.79 28.40 -13.95
C SER A 260 22.78 27.43 -14.60
N ALA A 261 23.53 26.69 -13.77
CA ALA A 261 24.61 25.79 -14.21
C ALA A 261 23.98 24.61 -14.96
N MET A 262 22.87 24.07 -14.42
CA MET A 262 22.23 22.89 -15.04
C MET A 262 21.65 23.31 -16.39
N LYS A 263 21.05 24.48 -16.45
CA LYS A 263 20.48 24.97 -17.74
C LYS A 263 21.62 25.24 -18.73
N ALA A 264 22.73 25.84 -18.29
CA ALA A 264 23.86 26.14 -19.21
C ALA A 264 24.31 24.85 -19.89
N ALA A 265 24.29 23.73 -19.16
CA ALA A 265 24.72 22.40 -19.64
C ALA A 265 23.84 21.87 -20.77
N SER A 266 22.62 22.37 -20.91
CA SER A 266 21.64 21.92 -21.94
C SER A 266 21.86 22.65 -23.28
N ARG A 267 22.59 23.77 -23.24
CA ARG A 267 22.71 24.74 -24.37
C ARG A 267 23.74 24.24 -25.37
N ALA A 268 23.49 24.48 -26.65
CA ALA A 268 24.42 24.23 -27.78
C ALA A 268 25.63 25.15 -27.63
N THR B 2 -0.72 -6.82 -19.02
CA THR B 2 -1.75 -7.89 -19.07
C THR B 2 -1.50 -8.84 -17.90
N THR B 3 -2.54 -9.53 -17.44
CA THR B 3 -2.37 -10.50 -16.35
C THR B 3 -3.00 -11.81 -16.79
N LEU B 4 -2.66 -12.89 -16.10
CA LEU B 4 -3.36 -14.17 -16.23
C LEU B 4 -4.72 -14.18 -15.55
N LEU B 5 -4.86 -13.46 -14.45
CA LEU B 5 -6.07 -13.46 -13.58
C LEU B 5 -6.66 -12.04 -13.53
N ASN B 6 -7.95 -11.90 -13.22
CA ASN B 6 -8.61 -10.57 -13.14
C ASN B 6 -8.01 -9.87 -11.92
N PRO B 7 -7.40 -8.66 -12.01
CA PRO B 7 -6.84 -8.03 -10.81
C PRO B 7 -7.88 -7.42 -9.86
N TYR B 8 -9.13 -7.45 -10.28
CA TYR B 8 -10.25 -6.78 -9.59
C TYR B 8 -11.27 -7.82 -9.08
N PHE B 9 -11.91 -7.41 -7.99
CA PHE B 9 -13.15 -7.98 -7.45
C PHE B 9 -14.23 -6.94 -7.67
N GLY B 10 -14.98 -7.08 -8.75
CA GLY B 10 -15.91 -6.01 -9.14
C GLY B 10 -15.09 -4.77 -9.38
N GLU B 11 -15.37 -3.71 -8.67
CA GLU B 11 -14.72 -2.40 -8.93
C GLU B 11 -13.49 -2.27 -8.03
N PHE B 12 -13.24 -3.23 -7.13
CA PHE B 12 -12.23 -3.07 -6.07
C PHE B 12 -11.01 -3.92 -6.42
N GLY B 13 -9.84 -3.43 -6.04
CA GLY B 13 -8.56 -4.14 -6.20
C GLY B 13 -7.66 -3.40 -7.18
N GLY B 14 -7.14 -4.10 -8.16
CA GLY B 14 -6.27 -3.49 -9.18
C GLY B 14 -4.80 -3.58 -8.78
N MET B 15 -3.94 -2.89 -9.52
CA MET B 15 -2.47 -2.87 -9.35
C MET B 15 -1.99 -1.41 -9.43
N TYR B 16 -2.29 -0.61 -8.40
CA TYR B 16 -1.95 0.84 -8.38
C TYR B 16 -0.55 0.99 -7.82
N VAL B 17 0.44 0.54 -8.60
CA VAL B 17 1.85 0.68 -8.21
C VAL B 17 2.59 1.45 -9.30
N PRO B 18 3.71 2.08 -8.94
CA PRO B 18 4.60 2.63 -9.99
C PRO B 18 4.92 1.56 -11.02
N GLN B 19 5.14 2.02 -12.24
CA GLN B 19 5.39 1.15 -13.39
C GLN B 19 6.54 0.17 -13.07
N ILE B 20 7.54 0.62 -12.34
CA ILE B 20 8.80 -0.14 -12.12
C ILE B 20 8.51 -1.42 -11.33
N LEU B 21 7.42 -1.45 -10.55
CA LEU B 21 7.04 -2.64 -9.78
C LEU B 21 6.15 -3.61 -10.57
N MET B 22 5.65 -3.26 -11.75
CA MET B 22 4.68 -4.13 -12.47
C MET B 22 5.34 -5.46 -12.85
N PRO B 23 6.60 -5.51 -13.35
CA PRO B 23 7.24 -6.80 -13.62
C PRO B 23 7.36 -7.73 -12.42
N ALA B 24 7.59 -7.17 -11.25
CA ALA B 24 7.62 -7.94 -10.01
C ALA B 24 6.23 -8.53 -9.74
N LEU B 25 5.15 -7.77 -9.93
CA LEU B 25 3.80 -8.28 -9.62
C LEU B 25 3.44 -9.32 -10.67
N ASN B 26 3.80 -9.10 -11.93
CA ASN B 26 3.52 -10.08 -13.03
C ASN B 26 4.29 -11.38 -12.77
N GLN B 27 5.54 -11.27 -12.36
CA GLN B 27 6.39 -12.45 -12.09
C GLN B 27 5.69 -13.29 -11.00
N LEU B 28 5.24 -12.63 -9.96
CA LEU B 28 4.64 -13.31 -8.80
C LEU B 28 3.31 -13.96 -9.20
N GLU B 29 2.51 -13.26 -9.98
CA GLU B 29 1.24 -13.83 -10.45
C GLU B 29 1.50 -15.14 -11.20
N GLU B 30 2.44 -15.10 -12.15
N GLU B 30 2.45 -15.14 -12.14
CA GLU B 30 2.89 -16.22 -13.01
CA GLU B 30 2.72 -16.33 -12.98
C GLU B 30 3.26 -17.41 -12.11
C GLU B 30 3.26 -17.47 -12.10
N ALA B 31 4.12 -17.18 -11.12
CA ALA B 31 4.67 -18.21 -10.22
C ALA B 31 3.52 -18.81 -9.42
N PHE B 32 2.63 -17.96 -8.94
CA PHE B 32 1.48 -18.43 -8.16
C PHE B 32 0.59 -19.31 -9.02
N VAL B 33 0.28 -18.88 -10.24
CA VAL B 33 -0.69 -19.63 -11.10
C VAL B 33 -0.05 -21.00 -11.37
N SER B 34 1.25 -21.01 -11.64
N SER B 34 1.26 -21.04 -11.66
CA SER B 34 1.98 -22.26 -11.93
CA SER B 34 1.98 -22.30 -11.97
C SER B 34 1.97 -23.18 -10.70
C SER B 34 2.02 -23.19 -10.71
N ALA B 35 2.28 -22.60 -9.55
CA ALA B 35 2.37 -23.32 -8.26
C ALA B 35 1.01 -23.97 -7.94
N GLN B 36 -0.08 -23.29 -8.25
CA GLN B 36 -1.44 -23.81 -7.95
C GLN B 36 -1.77 -25.07 -8.78
N LYS B 37 -1.06 -25.26 -9.91
N LYS B 37 -1.09 -25.31 -9.89
CA LYS B 37 -1.20 -26.41 -10.86
CA LYS B 37 -1.27 -26.53 -10.73
C LYS B 37 -0.21 -27.53 -10.46
C LYS B 37 -0.05 -27.45 -10.60
N ASP B 38 0.75 -27.27 -9.54
CA ASP B 38 1.95 -28.11 -9.37
C ASP B 38 1.77 -29.00 -8.15
N PRO B 39 1.57 -30.31 -8.34
CA PRO B 39 1.31 -31.21 -7.23
C PRO B 39 2.50 -31.20 -6.25
N GLU B 40 3.71 -30.98 -6.74
CA GLU B 40 4.92 -30.98 -5.89
C GLU B 40 4.88 -29.74 -4.99
N PHE B 41 4.50 -28.58 -5.51
CA PHE B 41 4.36 -27.37 -4.67
C PHE B 41 3.32 -27.65 -3.57
N GLN B 42 2.20 -28.24 -3.97
CA GLN B 42 1.02 -28.44 -3.07
C GLN B 42 1.46 -29.44 -2.02
N ALA B 43 2.23 -30.45 -2.41
CA ALA B 43 2.68 -31.48 -1.46
C ALA B 43 3.68 -30.86 -0.48
N GLN B 44 4.58 -30.00 -0.96
CA GLN B 44 5.58 -29.36 -0.05
C GLN B 44 4.84 -28.42 0.96
N PHE B 45 3.90 -27.64 0.48
CA PHE B 45 3.12 -26.69 1.30
C PHE B 45 2.36 -27.52 2.36
N ALA B 46 1.66 -28.56 1.94
CA ALA B 46 0.89 -29.44 2.85
C ALA B 46 1.81 -30.01 3.93
N ASP B 47 3.03 -30.37 3.55
CA ASP B 47 4.03 -30.99 4.46
C ASP B 47 4.42 -29.96 5.50
N LEU B 48 4.66 -28.73 5.09
CA LEU B 48 5.04 -27.69 6.08
C LEU B 48 3.84 -27.38 7.00
N LEU B 49 2.65 -27.21 6.42
CA LEU B 49 1.43 -26.89 7.23
C LEU B 49 1.23 -27.96 8.30
N LYS B 50 1.40 -29.23 7.95
CA LYS B 50 1.06 -30.34 8.86
C LYS B 50 2.20 -30.50 9.87
N ASN B 51 3.39 -30.81 9.35
CA ASN B 51 4.50 -31.34 10.18
C ASN B 51 5.26 -30.21 10.88
N TYR B 52 5.20 -28.99 10.39
CA TYR B 52 5.89 -27.84 11.03
C TYR B 52 4.89 -26.95 11.74
N ALA B 53 3.79 -26.58 11.10
CA ALA B 53 2.82 -25.63 11.69
C ALA B 53 1.75 -26.33 12.56
N GLY B 54 1.45 -27.63 12.36
CA GLY B 54 0.52 -28.44 13.23
C GLY B 54 -0.90 -28.57 12.66
N ARG B 55 -1.11 -28.23 11.37
CA ARG B 55 -2.47 -28.40 10.80
C ARG B 55 -2.81 -29.90 10.75
N PRO B 56 -4.09 -30.30 10.83
CA PRO B 56 -5.22 -29.40 11.03
C PRO B 56 -5.33 -28.91 12.48
N THR B 57 -5.93 -27.70 12.58
CA THR B 57 -6.22 -27.04 13.86
C THR B 57 -7.57 -27.54 14.36
N ALA B 58 -7.65 -27.66 15.67
CA ALA B 58 -8.87 -28.16 16.32
C ALA B 58 -10.06 -27.24 16.00
N LEU B 59 -11.25 -27.82 16.07
CA LEU B 59 -12.54 -27.10 16.13
C LEU B 59 -13.22 -27.37 17.47
N THR B 60 -13.23 -26.38 18.35
CA THR B 60 -13.58 -26.55 19.78
C THR B 60 -15.03 -26.15 19.98
N LYS B 61 -15.83 -27.03 20.53
CA LYS B 61 -17.22 -26.67 20.90
C LYS B 61 -17.15 -26.01 22.26
N CYS B 62 -17.77 -24.85 22.43
N CYS B 62 -17.57 -24.77 22.30
CA CYS B 62 -17.72 -24.06 23.68
CA CYS B 62 -17.93 -24.06 23.53
C CYS B 62 -19.05 -24.12 24.42
C CYS B 62 -19.16 -24.78 24.10
N GLN B 63 -19.15 -25.04 25.36
CA GLN B 63 -20.46 -25.31 26.01
C GLN B 63 -20.72 -24.28 27.11
N ASN B 64 -19.75 -23.97 27.94
CA ASN B 64 -20.01 -23.10 29.12
C ASN B 64 -20.53 -21.73 28.65
N ILE B 65 -19.96 -21.21 27.59
CA ILE B 65 -20.22 -19.80 27.19
C ILE B 65 -21.63 -19.68 26.59
N THR B 66 -22.25 -20.75 26.09
CA THR B 66 -23.58 -20.69 25.43
C THR B 66 -24.71 -21.30 26.28
N ALA B 67 -24.39 -21.84 27.48
CA ALA B 67 -25.34 -22.60 28.32
C ALA B 67 -26.59 -21.76 28.47
N GLY B 68 -27.78 -22.35 28.30
CA GLY B 68 -29.08 -21.72 28.52
C GLY B 68 -29.57 -20.97 27.30
N THR B 69 -28.82 -21.02 26.20
CA THR B 69 -29.24 -20.40 24.93
C THR B 69 -29.42 -21.52 23.89
N ARG B 70 -29.93 -21.17 22.71
CA ARG B 70 -30.07 -22.10 21.58
C ARG B 70 -28.94 -21.85 20.59
N THR B 71 -27.88 -21.18 21.02
CA THR B 71 -26.65 -21.06 20.26
C THR B 71 -25.71 -22.23 20.59
N THR B 72 -25.21 -22.82 19.50
CA THR B 72 -24.08 -23.75 19.52
C THR B 72 -22.90 -23.02 18.88
N LEU B 73 -21.82 -22.86 19.63
CA LEU B 73 -20.63 -22.07 19.21
C LEU B 73 -19.40 -22.98 19.14
N TYR B 74 -18.74 -22.98 17.99
CA TYR B 74 -17.43 -23.64 17.77
C TYR B 74 -16.40 -22.56 17.51
N LEU B 75 -15.18 -22.80 17.98
CA LEU B 75 -14.02 -21.95 17.75
C LEU B 75 -13.06 -22.71 16.83
N LYS B 76 -12.72 -22.13 15.69
CA LYS B 76 -11.65 -22.71 14.84
C LYS B 76 -10.32 -22.25 15.44
N ARG B 77 -9.45 -23.20 15.83
CA ARG B 77 -8.35 -22.88 16.77
C ARG B 77 -7.06 -22.54 16.01
N GLU B 78 -7.07 -21.44 15.26
CA GLU B 78 -5.82 -20.93 14.64
C GLU B 78 -4.84 -20.42 15.73
N ASP B 79 -5.31 -20.17 16.93
CA ASP B 79 -4.47 -19.88 18.13
C ASP B 79 -3.52 -21.04 18.43
N LEU B 80 -3.78 -22.28 17.97
CA LEU B 80 -2.92 -23.46 18.26
C LEU B 80 -1.90 -23.64 17.14
N LEU B 81 -1.99 -22.86 16.08
CA LEU B 81 -0.99 -22.97 15.00
C LEU B 81 0.38 -22.53 15.51
N HIS B 82 1.47 -23.13 15.01
CA HIS B 82 2.84 -22.65 15.33
C HIS B 82 2.86 -21.13 15.12
N GLY B 83 3.36 -20.40 16.10
CA GLY B 83 3.48 -18.92 16.04
C GLY B 83 2.30 -18.26 16.74
N GLY B 84 1.20 -19.00 16.94
CA GLY B 84 0.04 -18.61 17.78
C GLY B 84 -0.94 -17.72 17.04
N ALA B 85 -0.88 -17.72 15.70
CA ALA B 85 -1.92 -17.06 14.87
C ALA B 85 -1.88 -17.63 13.45
N HIS B 86 -2.95 -17.38 12.72
CA HIS B 86 -3.18 -17.87 11.34
C HIS B 86 -2.11 -17.33 10.38
N LYS B 87 -1.44 -16.21 10.70
CA LYS B 87 -0.43 -15.58 9.80
C LYS B 87 0.55 -16.62 9.29
N THR B 88 0.89 -17.60 10.10
CA THR B 88 1.87 -18.65 9.73
C THR B 88 1.49 -19.34 8.41
N ASN B 89 0.21 -19.60 8.16
CA ASN B 89 -0.20 -20.41 6.98
C ASN B 89 0.42 -19.74 5.74
N GLN B 90 0.14 -18.46 5.58
CA GLN B 90 0.36 -17.82 4.25
C GLN B 90 1.84 -17.42 4.13
N VAL B 91 2.56 -17.15 5.22
CA VAL B 91 4.01 -16.81 5.12
C VAL B 91 4.74 -18.08 4.67
N LEU B 92 4.32 -19.25 5.09
CA LEU B 92 4.92 -20.51 4.60
C LEU B 92 4.66 -20.64 3.11
N GLY B 93 3.44 -20.41 2.66
CA GLY B 93 3.16 -20.46 1.22
C GLY B 93 3.97 -19.42 0.45
N GLN B 94 4.07 -18.19 0.94
CA GLN B 94 4.78 -17.14 0.19
C GLN B 94 6.28 -17.45 0.19
N ALA B 95 6.82 -18.00 1.29
CA ALA B 95 8.24 -18.42 1.32
C ALA B 95 8.52 -19.51 0.31
N LEU B 96 7.61 -20.49 0.16
CA LEU B 96 7.73 -21.49 -0.93
C LEU B 96 7.65 -20.83 -2.31
N LEU B 97 6.75 -19.86 -2.52
CA LEU B 97 6.70 -19.10 -3.80
C LEU B 97 8.05 -18.40 -4.04
N ALA B 98 8.64 -17.78 -3.02
CA ALA B 98 9.95 -17.10 -3.20
C ALA B 98 10.95 -18.12 -3.75
N LYS B 99 11.01 -19.30 -3.13
CA LYS B 99 11.94 -20.36 -3.54
C LYS B 99 11.61 -20.82 -4.96
N ARG B 100 10.33 -20.93 -5.31
CA ARG B 100 9.90 -21.30 -6.67
C ARG B 100 10.50 -20.31 -7.67
N MET B 101 10.54 -19.01 -7.35
CA MET B 101 10.99 -17.96 -8.28
C MET B 101 12.53 -17.83 -8.21
N GLY B 102 13.19 -18.74 -7.52
CA GLY B 102 14.64 -18.71 -7.30
C GLY B 102 15.17 -17.60 -6.42
N LYS B 103 14.40 -17.09 -5.46
CA LYS B 103 14.85 -15.99 -4.59
C LYS B 103 15.41 -16.57 -3.31
N SER B 104 16.31 -15.83 -2.66
CA SER B 104 17.05 -16.26 -1.45
C SER B 104 16.79 -15.26 -0.33
N GLU B 105 15.93 -14.27 -0.58
CA GLU B 105 15.76 -13.11 0.31
C GLU B 105 14.26 -12.83 0.47
N ILE B 106 13.91 -12.45 1.68
CA ILE B 106 12.53 -12.02 2.02
C ILE B 106 12.65 -10.59 2.54
N ILE B 107 11.77 -9.75 2.04
CA ILE B 107 11.53 -8.39 2.61
C ILE B 107 10.15 -8.41 3.26
N ALA B 108 10.05 -7.77 4.40
CA ALA B 108 8.77 -7.43 5.09
C ALA B 108 8.99 -6.16 5.94
N GLU B 109 7.91 -5.58 6.40
CA GLU B 109 7.88 -4.47 7.40
C GLU B 109 6.87 -4.88 8.45
N THR B 110 7.00 -4.31 9.63
CA THR B 110 6.05 -4.57 10.72
C THR B 110 6.02 -3.30 11.57
N GLY B 111 4.89 -3.03 12.19
CA GLY B 111 4.78 -2.05 13.29
C GLY B 111 4.78 -2.76 14.62
N ALA B 112 3.67 -3.43 14.95
CA ALA B 112 3.49 -4.19 16.22
C ALA B 112 4.42 -5.42 16.30
N GLY B 113 4.79 -6.04 15.18
CA GLY B 113 5.82 -7.10 15.17
C GLY B 113 5.28 -8.48 14.84
N GLN B 114 3.96 -8.71 14.81
CA GLN B 114 3.42 -10.08 14.63
C GLN B 114 3.69 -10.59 13.20
N HIS B 115 3.46 -9.79 12.16
CA HIS B 115 3.81 -10.23 10.77
C HIS B 115 5.34 -10.39 10.61
N GLY B 116 6.12 -9.54 11.25
CA GLY B 116 7.58 -9.64 11.17
C GLY B 116 8.04 -10.95 11.80
N VAL B 117 7.42 -11.36 12.91
CA VAL B 117 7.81 -12.64 13.59
C VAL B 117 7.43 -13.78 12.66
N ALA B 118 6.24 -13.74 12.07
CA ALA B 118 5.76 -14.80 11.16
C ALA B 118 6.73 -14.87 9.95
N SER B 119 7.09 -13.71 9.39
CA SER B 119 8.01 -13.66 8.24
C SER B 119 9.35 -14.25 8.62
N ALA B 120 9.85 -13.88 9.79
CA ALA B 120 11.16 -14.33 10.24
C ALA B 120 11.12 -15.86 10.51
N LEU B 121 10.03 -16.42 11.04
CA LEU B 121 10.10 -17.87 11.38
C LEU B 121 10.07 -18.62 10.03
N ALA B 122 9.29 -18.17 9.05
CA ALA B 122 9.20 -18.90 7.76
C ALA B 122 10.60 -18.84 7.10
N SER B 123 11.24 -17.70 7.20
CA SER B 123 12.53 -17.48 6.51
C SER B 123 13.58 -18.35 7.17
N ALA B 124 13.55 -18.48 8.51
CA ALA B 124 14.58 -19.30 9.22
C ALA B 124 14.43 -20.77 8.82
N LEU B 125 13.20 -21.30 8.82
CA LEU B 125 12.90 -22.68 8.41
C LEU B 125 13.42 -22.93 6.99
N LEU B 126 13.17 -22.04 6.06
CA LEU B 126 13.40 -22.36 4.64
C LEU B 126 14.75 -21.80 4.19
N GLY B 127 15.57 -21.27 5.10
CA GLY B 127 16.94 -20.87 4.75
C GLY B 127 16.96 -19.64 3.86
N LEU B 128 16.00 -18.73 4.06
CA LEU B 128 15.94 -17.44 3.34
C LEU B 128 16.52 -16.33 4.22
N LYS B 129 17.26 -15.41 3.62
CA LYS B 129 17.73 -14.19 4.33
C LYS B 129 16.56 -13.23 4.48
N CYS B 130 16.18 -12.84 5.68
CA CYS B 130 14.96 -12.04 5.92
C CYS B 130 15.39 -10.67 6.42
N ARG B 131 14.92 -9.61 5.78
CA ARG B 131 15.09 -8.25 6.32
C ARG B 131 13.70 -7.67 6.57
N ILE B 132 13.54 -7.07 7.72
CA ILE B 132 12.25 -6.54 8.19
C ILE B 132 12.47 -5.07 8.57
N TYR B 133 11.80 -4.20 7.84
CA TYR B 133 11.87 -2.73 8.00
C TYR B 133 10.92 -2.36 9.14
N MET B 134 11.43 -1.55 10.05
CA MET B 134 10.64 -1.21 11.26
C MET B 134 10.87 0.26 11.61
N GLY B 135 9.79 0.98 11.81
CA GLY B 135 9.85 2.37 12.32
C GLY B 135 10.73 2.44 13.57
N ALA B 136 11.68 3.39 13.67
CA ALA B 136 12.54 3.58 14.86
C ALA B 136 11.68 3.70 16.14
N LYS B 137 10.59 4.48 16.06
CA LYS B 137 9.60 4.63 17.17
C LYS B 137 8.94 3.27 17.46
N ASP B 138 8.75 2.40 16.46
CA ASP B 138 8.17 1.04 16.70
C ASP B 138 9.23 0.12 17.33
N VAL B 139 10.43 0.07 16.76
CA VAL B 139 11.59 -0.67 17.36
C VAL B 139 11.66 -0.38 18.87
N GLU B 140 11.52 0.90 19.28
CA GLU B 140 11.54 1.35 20.70
C GLU B 140 10.43 0.66 21.50
N ARG B 141 9.20 0.67 20.96
CA ARG B 141 7.96 0.17 21.62
C ARG B 141 8.04 -1.35 21.82
N GLN B 142 8.55 -2.09 20.82
CA GLN B 142 8.27 -3.53 20.56
C GLN B 142 9.50 -4.41 20.85
N SER B 143 10.17 -4.21 21.99
CA SER B 143 11.46 -4.89 22.25
C SER B 143 11.30 -6.41 22.13
N PRO B 144 10.20 -7.03 22.65
CA PRO B 144 10.01 -8.48 22.56
C PRO B 144 9.86 -8.99 21.13
N ASN B 145 9.06 -8.32 20.29
CA ASN B 145 8.91 -8.77 18.89
C ASN B 145 10.24 -8.57 18.17
N VAL B 146 10.93 -7.46 18.41
CA VAL B 146 12.27 -7.18 17.80
C VAL B 146 13.23 -8.29 18.23
N PHE B 147 13.26 -8.60 19.52
CA PHE B 147 14.11 -9.69 20.02
C PHE B 147 13.73 -11.02 19.34
N ARG B 148 12.45 -11.37 19.21
CA ARG B 148 12.05 -12.67 18.58
C ARG B 148 12.58 -12.71 17.13
N MET B 149 12.34 -11.64 16.39
CA MET B 149 12.78 -11.52 14.97
C MET B 149 14.29 -11.71 14.89
N ARG B 150 15.06 -11.03 15.73
CA ARG B 150 16.55 -11.15 15.66
C ARG B 150 16.96 -12.54 16.16
N LEU B 151 16.24 -13.11 17.13
CA LEU B 151 16.57 -14.48 17.59
C LEU B 151 16.49 -15.44 16.39
N MET B 152 15.55 -15.15 15.50
CA MET B 152 15.27 -16.03 14.35
C MET B 152 16.15 -15.62 13.16
N GLY B 153 17.15 -14.76 13.40
CA GLY B 153 18.19 -14.44 12.40
C GLY B 153 17.77 -13.37 11.39
N ALA B 154 16.61 -12.74 11.56
CA ALA B 154 16.14 -11.67 10.66
C ALA B 154 16.93 -10.39 11.00
N GLU B 155 17.26 -9.63 9.98
CA GLU B 155 17.91 -8.32 10.16
C GLU B 155 16.77 -7.34 10.30
N VAL B 156 16.65 -6.71 11.46
CA VAL B 156 15.59 -5.70 11.73
C VAL B 156 16.22 -4.33 11.51
N ILE B 157 15.73 -3.61 10.50
CA ILE B 157 16.29 -2.31 10.04
C ILE B 157 15.42 -1.22 10.63
N PRO B 158 15.97 -0.39 11.56
CA PRO B 158 15.29 0.82 12.00
C PRO B 158 15.20 1.87 10.88
N VAL B 159 14.00 2.39 10.66
CA VAL B 159 13.73 3.45 9.64
C VAL B 159 13.46 4.77 10.39
N HIS B 160 14.30 5.78 10.11
CA HIS B 160 14.28 7.12 10.77
C HIS B 160 13.67 8.15 9.80
N SER B 161 13.44 7.73 8.55
CA SER B 161 12.97 8.60 7.44
C SER B 161 11.50 8.95 7.68
N GLY B 162 11.05 10.10 7.14
CA GLY B 162 9.70 10.62 7.38
C GLY B 162 9.37 10.63 8.86
N SER B 163 8.23 10.04 9.24
CA SER B 163 7.67 10.01 10.62
C SER B 163 8.22 8.83 11.46
N ALA B 164 9.27 8.13 11.01
CA ALA B 164 9.91 7.00 11.75
C ALA B 164 8.87 5.97 12.22
N THR B 165 7.92 5.56 11.38
CA THR B 165 6.88 4.58 11.76
C THR B 165 6.52 3.61 10.61
N LEU B 166 5.42 2.88 10.75
CA LEU B 166 4.96 1.83 9.79
C LEU B 166 5.00 2.31 8.35
N LYS B 167 4.34 3.43 8.04
CA LYS B 167 4.21 3.87 6.62
C LYS B 167 5.62 4.14 6.09
N ASP B 168 6.54 4.57 6.96
CA ASP B 168 7.95 4.91 6.63
C ASP B 168 8.75 3.62 6.42
N ALA B 169 8.52 2.61 7.26
CA ALA B 169 9.09 1.25 7.12
C ALA B 169 8.58 0.59 5.84
N CYS B 170 7.29 0.69 5.57
CA CYS B 170 6.69 0.13 4.34
C CYS B 170 7.33 0.82 3.09
N ASN B 171 7.47 2.14 3.07
CA ASN B 171 8.08 2.90 1.94
C ASN B 171 9.48 2.33 1.66
N GLU B 172 10.28 2.14 2.71
CA GLU B 172 11.69 1.67 2.60
C GLU B 172 11.73 0.24 2.03
N ALA B 173 10.82 -0.61 2.52
CA ALA B 173 10.65 -2.02 2.13
C ALA B 173 10.36 -2.11 0.65
N LEU B 174 9.43 -1.27 0.16
CA LEU B 174 9.02 -1.28 -1.27
C LEU B 174 10.08 -0.64 -2.13
N ARG B 175 10.73 0.39 -1.64
CA ARG B 175 11.90 0.95 -2.34
C ARG B 175 12.94 -0.16 -2.53
N ASP B 176 13.29 -0.88 -1.47
CA ASP B 176 14.26 -2.00 -1.55
C ASP B 176 13.75 -3.00 -2.60
N TRP B 177 12.50 -3.43 -2.50
CA TRP B 177 11.92 -4.44 -3.42
C TRP B 177 12.00 -3.94 -4.87
N SER B 178 11.69 -2.67 -5.14
CA SER B 178 11.75 -2.14 -6.54
C SER B 178 13.14 -2.35 -7.15
N GLY B 179 14.22 -2.35 -6.35
CA GLY B 179 15.60 -2.66 -6.78
C GLY B 179 15.98 -4.13 -6.67
N SER B 180 15.41 -4.88 -5.73
CA SER B 180 15.96 -6.21 -5.34
C SER B 180 15.09 -7.38 -5.83
N TYR B 181 13.98 -7.13 -6.54
CA TYR B 181 12.96 -8.18 -6.77
C TYR B 181 13.52 -9.37 -7.57
N GLU B 182 14.67 -9.24 -8.25
CA GLU B 182 15.27 -10.42 -8.92
C GLU B 182 15.67 -11.47 -7.86
N THR B 183 16.11 -11.04 -6.70
CA THR B 183 16.61 -11.98 -5.65
C THR B 183 15.74 -11.98 -4.40
N ALA B 184 14.78 -11.08 -4.27
CA ALA B 184 14.04 -10.86 -3.01
C ALA B 184 12.55 -10.87 -3.26
N HIS B 185 11.80 -11.53 -2.37
CA HIS B 185 10.32 -11.56 -2.40
C HIS B 185 9.81 -10.67 -1.28
N TYR B 186 8.83 -9.81 -1.61
CA TYR B 186 8.16 -8.94 -0.62
C TYR B 186 7.00 -9.74 -0.02
N MET B 187 7.07 -10.09 1.26
N MET B 187 7.13 -10.02 1.28
CA MET B 187 6.08 -11.01 1.88
CA MET B 187 6.17 -10.73 2.16
C MET B 187 5.00 -10.17 2.59
C MET B 187 5.06 -9.75 2.57
N LEU B 188 3.94 -9.77 1.85
CA LEU B 188 2.77 -8.93 2.29
C LEU B 188 1.97 -9.74 3.31
N GLY B 189 1.64 -9.10 4.41
CA GLY B 189 1.12 -9.79 5.58
C GLY B 189 -0.39 -9.89 5.62
N THR B 190 -1.15 -9.42 4.62
CA THR B 190 -2.64 -9.54 4.67
C THR B 190 -3.23 -9.70 3.27
N ALA B 191 -4.56 -9.90 3.14
CA ALA B 191 -5.25 -10.10 1.85
C ALA B 191 -5.60 -8.73 1.28
N ALA B 192 -4.58 -7.90 1.08
CA ALA B 192 -4.73 -6.51 0.60
C ALA B 192 -3.49 -6.16 -0.24
N GLY B 193 -3.42 -4.94 -0.70
CA GLY B 193 -2.32 -4.55 -1.58
C GLY B 193 -2.71 -4.85 -3.03
N PRO B 194 -1.75 -4.71 -3.97
CA PRO B 194 -2.07 -4.87 -5.37
C PRO B 194 -2.16 -6.35 -5.71
N HIS B 195 -2.94 -6.64 -6.73
CA HIS B 195 -2.93 -7.97 -7.37
C HIS B 195 -1.48 -8.32 -7.69
N PRO B 196 -1.02 -9.56 -7.39
CA PRO B 196 -1.89 -10.67 -6.98
C PRO B 196 -2.01 -10.99 -5.48
N TYR B 197 -1.60 -10.09 -4.61
CA TYR B 197 -1.51 -10.43 -3.18
C TYR B 197 -2.89 -10.81 -2.59
N PRO B 198 -4.01 -10.09 -2.84
CA PRO B 198 -5.28 -10.47 -2.21
C PRO B 198 -5.67 -11.91 -2.58
N THR B 199 -5.43 -12.30 -3.83
CA THR B 199 -5.71 -13.67 -4.34
C THR B 199 -4.79 -14.69 -3.64
N ILE B 200 -3.48 -14.44 -3.64
CA ILE B 200 -2.50 -15.38 -3.08
C ILE B 200 -2.82 -15.60 -1.62
N VAL B 201 -3.02 -14.51 -0.88
CA VAL B 201 -3.16 -14.62 0.58
C VAL B 201 -4.45 -15.42 0.87
N ARG B 202 -5.56 -15.15 0.15
CA ARG B 202 -6.77 -15.98 0.28
C ARG B 202 -6.46 -17.46 0.04
N GLU B 203 -5.80 -17.80 -1.05
CA GLU B 203 -5.60 -19.23 -1.42
C GLU B 203 -4.68 -19.91 -0.42
N PHE B 204 -3.74 -19.17 0.17
CA PHE B 204 -2.80 -19.70 1.18
C PHE B 204 -3.40 -19.65 2.60
N GLN B 205 -4.62 -19.16 2.77
CA GLN B 205 -5.38 -19.21 4.08
C GLN B 205 -6.63 -20.07 3.96
N ARG B 206 -7.00 -20.57 2.77
CA ARG B 206 -8.34 -21.17 2.52
C ARG B 206 -8.49 -22.51 3.26
N MET B 207 -7.37 -23.10 3.74
CA MET B 207 -7.47 -24.37 4.51
C MET B 207 -8.24 -24.11 5.82
N ILE B 208 -8.25 -22.87 6.35
CA ILE B 208 -9.05 -22.56 7.58
C ILE B 208 -10.51 -22.98 7.33
N GLY B 209 -11.13 -22.47 6.28
CA GLY B 209 -12.52 -22.77 5.95
C GLY B 209 -12.69 -24.19 5.49
N GLU B 210 -11.78 -24.73 4.67
CA GLU B 210 -11.91 -26.11 4.18
C GLU B 210 -11.94 -27.05 5.38
N GLU B 211 -11.04 -26.85 6.33
CA GLU B 211 -11.01 -27.73 7.53
C GLU B 211 -12.32 -27.54 8.32
N THR B 212 -12.69 -26.29 8.56
CA THR B 212 -13.91 -25.95 9.35
C THR B 212 -15.10 -26.67 8.72
N LYS B 213 -15.26 -26.59 7.40
CA LYS B 213 -16.40 -27.28 6.74
C LYS B 213 -16.42 -28.78 7.03
N ALA B 214 -15.26 -29.44 6.88
CA ALA B 214 -15.13 -30.90 7.09
C ALA B 214 -15.41 -31.21 8.56
N GLN B 215 -14.91 -30.38 9.43
CA GLN B 215 -15.04 -30.67 10.88
C GLN B 215 -16.52 -30.45 11.32
N ILE B 216 -17.15 -29.37 10.85
CA ILE B 216 -18.56 -29.10 11.24
C ILE B 216 -19.50 -30.16 10.66
N LEU B 217 -19.26 -30.63 9.44
CA LEU B 217 -20.07 -31.72 8.81
C LEU B 217 -19.93 -33.00 9.64
N ASP B 218 -18.70 -33.32 10.07
CA ASP B 218 -18.43 -34.52 10.89
C ASP B 218 -19.14 -34.39 12.23
N LYS B 219 -19.06 -33.22 12.89
CA LYS B 219 -19.54 -33.04 14.29
C LYS B 219 -21.06 -32.80 14.33
N GLU B 220 -21.59 -32.07 13.35
CA GLU B 220 -23.00 -31.58 13.41
C GLU B 220 -23.82 -32.12 12.24
N GLY B 221 -23.19 -32.62 11.17
CA GLY B 221 -23.90 -33.19 9.99
C GLY B 221 -24.50 -32.13 9.10
N ARG B 222 -24.10 -30.87 9.29
CA ARG B 222 -24.61 -29.78 8.43
C ARG B 222 -23.59 -28.64 8.42
N LEU B 223 -23.79 -27.67 7.54
CA LEU B 223 -22.99 -26.44 7.53
C LEU B 223 -23.44 -25.49 8.64
N PRO B 224 -22.54 -24.57 9.03
CA PRO B 224 -22.86 -23.55 10.00
C PRO B 224 -23.91 -22.56 9.45
N ASP B 225 -24.65 -21.99 10.37
CA ASP B 225 -25.56 -20.87 10.03
C ASP B 225 -24.74 -19.64 9.67
N ALA B 226 -23.60 -19.43 10.34
CA ALA B 226 -22.68 -18.30 10.07
C ALA B 226 -21.28 -18.66 10.53
N VAL B 227 -20.33 -18.13 9.76
CA VAL B 227 -18.93 -18.08 10.20
C VAL B 227 -18.53 -16.62 10.43
N ILE B 228 -17.77 -16.39 11.50
CA ILE B 228 -17.55 -15.02 12.00
C ILE B 228 -16.07 -14.81 12.18
N ALA B 229 -15.53 -13.73 11.64
CA ALA B 229 -14.07 -13.44 11.74
C ALA B 229 -13.83 -11.95 11.85
N CYS B 230 -12.77 -11.61 12.54
CA CYS B 230 -12.30 -10.24 12.63
C CYS B 230 -11.59 -9.86 11.32
N VAL B 231 -11.62 -8.59 11.03
CA VAL B 231 -11.13 -8.02 9.76
C VAL B 231 -10.19 -6.86 10.14
N GLY B 232 -8.89 -7.11 10.02
CA GLY B 232 -7.87 -6.06 10.00
C GLY B 232 -7.52 -5.67 8.57
N GLY B 233 -6.76 -6.48 7.85
CA GLY B 233 -6.62 -6.34 6.40
C GLY B 233 -7.52 -7.33 5.70
N GLY B 234 -7.84 -8.46 6.34
CA GLY B 234 -8.82 -9.39 5.75
C GLY B 234 -8.33 -10.80 5.58
N SER B 235 -7.11 -11.15 5.99
CA SER B 235 -6.60 -12.51 5.63
C SER B 235 -7.30 -13.62 6.42
N ASN B 236 -7.38 -13.58 7.75
CA ASN B 236 -7.99 -14.70 8.49
C ASN B 236 -9.46 -14.80 8.05
N ALA B 237 -10.14 -13.68 7.85
CA ALA B 237 -11.58 -13.68 7.48
C ALA B 237 -11.78 -14.32 6.12
N ILE B 238 -11.00 -13.91 5.09
CA ILE B 238 -11.16 -14.51 3.74
C ILE B 238 -10.70 -15.98 3.78
N GLY B 239 -9.77 -16.32 4.64
CA GLY B 239 -9.37 -17.73 4.78
C GLY B 239 -10.45 -18.64 5.34
N MET B 240 -11.23 -18.13 6.29
CA MET B 240 -12.45 -18.79 6.82
C MET B 240 -13.56 -18.79 5.76
N PHE B 241 -13.78 -17.65 5.09
CA PHE B 241 -14.91 -17.48 4.17
C PHE B 241 -14.80 -18.29 2.90
N ALA B 242 -13.59 -18.42 2.34
CA ALA B 242 -13.43 -18.72 0.91
C ALA B 242 -14.20 -20.00 0.54
N ASP B 243 -14.04 -21.09 1.29
CA ASP B 243 -14.65 -22.39 0.95
C ASP B 243 -16.18 -22.41 1.17
N PHE B 244 -16.74 -21.41 1.83
CA PHE B 244 -18.20 -21.30 2.04
C PHE B 244 -18.82 -20.34 1.04
N ILE B 245 -18.04 -19.63 0.21
CA ILE B 245 -18.66 -18.54 -0.60
C ILE B 245 -19.86 -19.11 -1.42
N ASN B 246 -19.69 -20.28 -2.04
CA ASN B 246 -20.73 -20.88 -2.91
C ASN B 246 -21.78 -21.62 -2.08
N ASP B 247 -21.60 -21.74 -0.76
CA ASP B 247 -22.66 -22.29 0.12
C ASP B 247 -23.52 -21.11 0.56
N THR B 248 -24.50 -20.75 -0.24
CA THR B 248 -25.18 -19.46 -0.07
C THR B 248 -26.05 -19.48 1.21
N SER B 249 -26.36 -20.61 1.84
CA SER B 249 -27.06 -20.62 3.17
C SER B 249 -26.12 -20.21 4.31
N VAL B 250 -24.81 -20.22 4.10
CA VAL B 250 -23.87 -19.90 5.20
C VAL B 250 -23.62 -18.41 5.27
N GLY B 251 -23.98 -17.81 6.39
CA GLY B 251 -23.64 -16.40 6.63
C GLY B 251 -22.14 -16.19 6.76
N LEU B 252 -21.65 -15.11 6.19
CA LEU B 252 -20.24 -14.71 6.30
C LEU B 252 -20.25 -13.39 7.02
N ILE B 253 -19.70 -13.34 8.23
CA ILE B 253 -19.75 -12.07 9.00
C ILE B 253 -18.33 -11.65 9.30
N GLY B 254 -17.97 -10.45 8.84
CA GLY B 254 -16.69 -9.87 9.17
C GLY B 254 -16.82 -8.76 10.18
N VAL B 255 -15.95 -8.77 11.16
CA VAL B 255 -16.01 -7.79 12.24
C VAL B 255 -14.81 -6.85 12.18
N GLU B 256 -15.08 -5.59 11.93
CA GLU B 256 -14.06 -4.53 12.00
C GLU B 256 -14.02 -3.99 13.42
N PRO B 257 -12.89 -3.37 13.79
CA PRO B 257 -12.71 -2.71 15.07
C PRO B 257 -13.41 -1.34 15.10
N GLY B 258 -14.32 -1.24 16.07
CA GLY B 258 -15.05 0.00 16.36
C GLY B 258 -14.29 0.93 17.25
N GLY B 259 -13.16 0.50 17.82
CA GLY B 259 -12.32 1.36 18.67
C GLY B 259 -13.11 1.94 19.83
N HIS B 260 -13.09 3.29 19.97
CA HIS B 260 -13.78 4.03 21.06
C HIS B 260 -15.25 4.19 20.70
N GLY B 261 -15.66 3.74 19.52
CA GLY B 261 -17.02 3.96 19.00
C GLY B 261 -17.00 4.61 17.63
N ILE B 262 -17.81 4.10 16.70
CA ILE B 262 -17.74 4.66 15.30
C ILE B 262 -17.92 6.17 15.40
N GLU B 263 -18.87 6.61 16.23
CA GLU B 263 -19.24 8.05 16.29
C GLU B 263 -18.04 8.93 16.71
N THR B 264 -17.00 8.37 17.36
CA THR B 264 -15.82 9.12 17.84
C THR B 264 -14.88 9.39 16.66
N GLY B 265 -14.94 8.60 15.60
CA GLY B 265 -13.93 8.68 14.53
C GLY B 265 -12.69 7.87 14.87
N GLU B 266 -12.59 7.35 16.10
N GLU B 266 -12.60 7.32 16.08
CA GLU B 266 -11.42 6.57 16.58
CA GLU B 266 -11.41 6.56 16.54
C GLU B 266 -11.75 5.08 16.46
C GLU B 266 -11.74 5.07 16.46
N HIS B 267 -11.59 4.54 15.24
CA HIS B 267 -11.99 3.17 14.87
C HIS B 267 -11.09 2.72 13.73
N GLY B 268 -11.28 1.49 13.30
CA GLY B 268 -10.58 0.88 12.15
C GLY B 268 -11.60 0.18 11.26
N ALA B 269 -12.74 0.84 10.99
CA ALA B 269 -13.87 0.24 10.25
C ALA B 269 -14.09 0.95 8.92
N PRO B 270 -13.12 0.90 8.00
CA PRO B 270 -13.27 1.60 6.71
C PRO B 270 -14.34 0.95 5.82
N LEU B 271 -14.53 -0.38 5.96
CA LEU B 271 -15.42 -1.04 4.99
C LEU B 271 -16.80 -0.44 5.18
N LYS B 272 -17.23 -0.26 6.43
CA LYS B 272 -18.59 0.26 6.66
C LYS B 272 -18.57 1.76 6.92
N HIS B 273 -17.45 2.36 7.32
CA HIS B 273 -17.47 3.79 7.77
C HIS B 273 -16.39 4.64 7.12
N GLY B 274 -15.66 4.12 6.14
CA GLY B 274 -14.71 4.89 5.33
C GLY B 274 -15.31 5.28 4.00
N ARG B 275 -14.48 5.53 3.00
CA ARG B 275 -15.01 5.58 1.61
C ARG B 275 -13.89 5.19 0.66
N VAL B 276 -14.31 4.74 -0.49
CA VAL B 276 -13.34 4.17 -1.47
C VAL B 276 -12.28 5.22 -1.80
N GLY B 277 -11.04 4.73 -1.87
CA GLY B 277 -9.91 5.46 -2.39
C GLY B 277 -8.89 4.51 -2.99
N ILE B 278 -7.76 5.07 -3.36
CA ILE B 278 -6.66 4.30 -4.00
C ILE B 278 -5.42 4.54 -3.18
N TYR B 279 -4.88 3.49 -2.56
CA TYR B 279 -3.65 3.56 -1.76
C TYR B 279 -3.19 2.14 -1.45
N PHE B 280 -1.90 2.04 -1.19
CA PHE B 280 -1.23 0.73 -0.98
C PHE B 280 -1.54 -0.20 -2.15
N GLY B 281 -1.55 0.30 -3.39
CA GLY B 281 -1.66 -0.59 -4.55
C GLY B 281 -3.06 -0.99 -4.96
N MET B 282 -4.11 -0.52 -4.28
CA MET B 282 -5.49 -1.06 -4.47
C MET B 282 -6.56 0.03 -4.34
N LYS B 283 -7.66 -0.17 -5.05
CA LYS B 283 -8.90 0.62 -4.92
C LYS B 283 -9.74 -0.11 -3.88
N ALA B 284 -9.94 0.50 -2.74
CA ALA B 284 -10.62 -0.13 -1.60
C ALA B 284 -11.10 0.94 -0.63
N PRO B 285 -12.07 0.55 0.23
CA PRO B 285 -12.49 1.42 1.30
C PRO B 285 -11.29 1.78 2.16
N MET B 286 -11.24 3.06 2.52
CA MET B 286 -10.21 3.55 3.45
C MET B 286 -10.76 4.69 4.31
N MET B 287 -10.14 4.92 5.43
CA MET B 287 -10.44 6.08 6.28
C MET B 287 -9.67 7.27 5.73
N GLN B 288 -10.39 8.30 5.31
CA GLN B 288 -9.67 9.48 4.78
C GLN B 288 -10.37 10.78 5.14
N THR B 289 -9.55 11.83 5.09
CA THR B 289 -10.00 13.25 5.28
C THR B 289 -10.87 13.63 4.09
N ALA B 290 -11.63 14.70 4.22
CA ALA B 290 -12.50 15.15 3.12
C ALA B 290 -11.62 15.37 1.87
N ASP B 291 -10.37 15.81 2.03
CA ASP B 291 -9.51 16.19 0.86
C ASP B 291 -8.59 15.03 0.45
N GLY B 292 -8.85 13.81 0.95
CA GLY B 292 -8.25 12.57 0.39
C GLY B 292 -6.90 12.22 0.98
N GLN B 293 -6.57 12.71 2.16
CA GLN B 293 -5.40 12.22 2.90
C GLN B 293 -5.85 10.95 3.63
N ILE B 294 -4.97 9.98 3.81
CA ILE B 294 -5.34 8.71 4.47
C ILE B 294 -5.31 8.98 5.96
N GLU B 295 -6.41 8.70 6.67
CA GLU B 295 -6.49 8.93 8.14
C GLU B 295 -5.74 7.83 8.89
N GLU B 296 -5.44 8.11 10.15
CA GLU B 296 -4.96 7.13 11.13
C GLU B 296 -6.17 6.42 11.72
N SER B 297 -6.17 5.08 11.62
CA SER B 297 -7.10 4.19 12.33
C SER B 297 -6.77 4.10 13.82
N TYR B 298 -7.64 3.44 14.57
CA TYR B 298 -7.41 3.16 15.98
C TYR B 298 -8.18 1.88 16.33
N SER B 299 -7.55 1.07 17.16
CA SER B 299 -8.16 -0.08 17.83
C SER B 299 -7.31 -0.39 19.07
N ILE B 300 -7.93 -0.88 20.11
CA ILE B 300 -7.19 -1.48 21.26
C ILE B 300 -6.23 -2.54 20.71
N SER B 301 -6.60 -3.22 19.62
CA SER B 301 -5.83 -4.35 19.05
C SER B 301 -4.97 -3.87 17.88
N ALA B 302 -3.65 -3.91 18.04
CA ALA B 302 -2.68 -3.50 16.98
C ALA B 302 -2.97 -4.22 15.67
N GLY B 303 -3.27 -5.53 15.75
CA GLY B 303 -3.49 -6.37 14.57
C GLY B 303 -4.65 -5.91 13.71
N LEU B 304 -5.62 -5.15 14.25
CA LEU B 304 -6.78 -4.66 13.47
C LEU B 304 -6.63 -3.20 13.04
N ASP B 305 -5.59 -2.55 13.49
CA ASP B 305 -5.45 -1.08 13.42
C ASP B 305 -4.90 -0.76 12.03
N PHE B 306 -5.71 -0.84 10.97
CA PHE B 306 -5.33 -0.52 9.55
C PHE B 306 -6.48 0.33 9.01
N PRO B 307 -6.23 1.48 8.34
CA PRO B 307 -7.31 2.32 7.83
C PRO B 307 -7.84 1.83 6.47
N SER B 308 -7.48 0.63 6.02
CA SER B 308 -8.12 0.06 4.79
C SER B 308 -8.47 -1.41 5.01
N VAL B 309 -8.81 -2.08 3.95
CA VAL B 309 -9.30 -3.47 3.98
C VAL B 309 -9.09 -4.13 2.62
N GLY B 310 -8.92 -5.44 2.63
CA GLY B 310 -8.83 -6.22 1.40
C GLY B 310 -9.97 -5.99 0.42
N PRO B 311 -9.67 -5.93 -0.90
CA PRO B 311 -10.70 -5.61 -1.87
C PRO B 311 -11.80 -6.70 -2.02
N GLN B 312 -11.48 -7.94 -1.71
CA GLN B 312 -12.45 -9.02 -1.91
C GLN B 312 -13.55 -8.82 -0.86
N HIS B 313 -13.20 -8.33 0.32
CA HIS B 313 -14.24 -8.03 1.36
C HIS B 313 -15.15 -6.92 0.86
N ALA B 314 -14.60 -5.81 0.34
CA ALA B 314 -15.40 -4.70 -0.21
C ALA B 314 -16.38 -5.26 -1.25
N TYR B 315 -15.90 -6.18 -2.08
CA TYR B 315 -16.72 -6.79 -3.16
C TYR B 315 -17.82 -7.66 -2.56
N LEU B 316 -17.48 -8.57 -1.65
CA LEU B 316 -18.47 -9.47 -1.03
C LEU B 316 -19.54 -8.64 -0.31
N ASN B 317 -19.15 -7.58 0.35
CA ASN B 317 -20.11 -6.65 0.97
C ASN B 317 -21.02 -6.04 -0.07
N SER B 318 -20.46 -5.50 -1.16
N SER B 318 -20.46 -5.45 -1.12
CA SER B 318 -21.19 -4.72 -2.18
CA SER B 318 -21.21 -4.73 -2.17
C SER B 318 -22.30 -5.57 -2.83
C SER B 318 -22.34 -5.61 -2.74
N ILE B 319 -22.08 -6.87 -3.04
CA ILE B 319 -23.08 -7.77 -3.66
C ILE B 319 -24.00 -8.41 -2.59
N GLY B 320 -23.76 -8.17 -1.30
CA GLY B 320 -24.57 -8.69 -0.21
C GLY B 320 -24.27 -10.15 0.14
N ARG B 321 -23.11 -10.67 -0.25
CA ARG B 321 -22.75 -12.07 0.05
C ARG B 321 -22.24 -12.14 1.50
N ALA B 322 -21.49 -11.16 1.93
CA ALA B 322 -20.93 -11.08 3.30
C ALA B 322 -21.43 -9.83 3.97
N ASP B 323 -21.58 -9.92 5.27
CA ASP B 323 -22.05 -8.77 6.08
C ASP B 323 -20.97 -8.34 7.02
N TYR B 324 -20.80 -7.04 7.16
CA TYR B 324 -19.72 -6.51 8.01
C TYR B 324 -20.32 -5.68 9.14
N VAL B 325 -19.76 -5.82 10.35
CA VAL B 325 -20.24 -5.16 11.58
C VAL B 325 -19.01 -4.64 12.26
N SER B 326 -19.19 -3.94 13.37
CA SER B 326 -18.09 -3.46 14.21
C SER B 326 -18.31 -3.83 15.65
N ILE B 327 -17.20 -3.95 16.35
CA ILE B 327 -17.19 -4.29 17.80
C ILE B 327 -16.21 -3.31 18.44
N THR B 328 -16.63 -2.66 19.51
CA THR B 328 -15.81 -1.67 20.23
C THR B 328 -14.76 -2.34 21.13
N ASP B 329 -13.81 -1.53 21.58
CA ASP B 329 -12.71 -1.96 22.45
C ASP B 329 -13.34 -2.64 23.66
N ASP B 330 -14.38 -2.02 24.22
CA ASP B 330 -15.00 -2.51 25.48
C ASP B 330 -15.70 -3.86 25.24
N GLU B 331 -16.42 -4.00 24.15
CA GLU B 331 -17.05 -5.30 23.77
C GLU B 331 -15.97 -6.38 23.59
N ALA B 332 -14.85 -6.06 22.90
CA ALA B 332 -13.78 -7.06 22.69
C ALA B 332 -13.20 -7.46 24.04
N LEU B 333 -13.00 -6.49 24.94
CA LEU B 333 -12.39 -6.79 26.27
C LEU B 333 -13.32 -7.74 27.06
N GLU B 334 -14.62 -7.55 26.97
CA GLU B 334 -15.57 -8.38 27.73
C GLU B 334 -15.53 -9.82 27.14
N ALA B 335 -15.40 -9.94 25.82
CA ALA B 335 -15.32 -11.27 25.18
C ALA B 335 -14.01 -11.93 25.62
N PHE B 336 -12.90 -11.17 25.65
CA PHE B 336 -11.57 -11.68 26.08
C PHE B 336 -11.71 -12.28 27.49
N LYS B 337 -12.29 -11.55 28.41
CA LYS B 337 -12.50 -12.00 29.82
C LYS B 337 -13.41 -13.23 29.85
N THR B 338 -14.52 -13.18 29.13
CA THR B 338 -15.50 -14.29 29.07
C THR B 338 -14.84 -15.59 28.58
N LEU B 339 -14.06 -15.53 27.51
CA LEU B 339 -13.46 -16.79 27.01
C LEU B 339 -12.45 -17.32 28.05
N CYS B 340 -11.72 -16.46 28.72
CA CYS B 340 -10.66 -16.88 29.66
C CYS B 340 -11.40 -17.66 30.76
N ARG B 341 -12.51 -17.13 31.22
CA ARG B 341 -13.12 -17.58 32.48
C ARG B 341 -13.97 -18.82 32.22
N HIS B 342 -14.57 -18.92 31.04
N HIS B 342 -14.67 -18.88 31.07
CA HIS B 342 -15.58 -19.95 30.78
CA HIS B 342 -15.63 -19.97 30.73
C HIS B 342 -15.06 -21.08 29.90
C HIS B 342 -14.93 -21.14 30.05
N GLU B 343 -13.91 -20.90 29.23
CA GLU B 343 -13.35 -21.95 28.34
C GLU B 343 -11.88 -22.20 28.61
N GLY B 344 -11.20 -21.41 29.45
CA GLY B 344 -9.75 -21.59 29.71
C GLY B 344 -8.91 -21.34 28.47
N ILE B 345 -9.39 -20.49 27.58
CA ILE B 345 -8.63 -20.10 26.37
C ILE B 345 -8.42 -18.58 26.42
N ILE B 346 -7.18 -18.13 26.27
CA ILE B 346 -6.88 -16.67 26.29
C ILE B 346 -6.81 -16.26 24.81
N PRO B 347 -7.82 -15.57 24.30
CA PRO B 347 -7.84 -15.23 22.88
C PRO B 347 -7.02 -13.96 22.61
N ALA B 348 -6.52 -13.83 21.38
CA ALA B 348 -5.94 -12.57 20.91
C ALA B 348 -7.04 -11.51 20.97
N LEU B 349 -6.70 -10.26 21.27
CA LEU B 349 -7.71 -9.19 21.27
C LEU B 349 -8.31 -9.05 19.86
N GLU B 350 -7.57 -9.35 18.80
CA GLU B 350 -8.10 -9.31 17.42
C GLU B 350 -9.32 -10.26 17.38
N SER B 351 -9.10 -11.51 17.79
CA SER B 351 -10.06 -12.62 17.68
C SER B 351 -11.26 -12.30 18.60
N SER B 352 -10.98 -11.62 19.71
CA SER B 352 -11.99 -11.25 20.72
C SER B 352 -13.06 -10.38 20.08
N HIS B 353 -12.75 -9.68 19.00
CA HIS B 353 -13.77 -8.88 18.26
C HIS B 353 -14.78 -9.82 17.60
N ALA B 354 -14.31 -10.90 16.98
CA ALA B 354 -15.17 -11.91 16.32
C ALA B 354 -16.01 -12.57 17.41
N LEU B 355 -15.36 -13.05 18.47
CA LEU B 355 -16.11 -13.69 19.59
C LEU B 355 -17.14 -12.72 20.16
N ALA B 356 -16.82 -11.44 20.38
CA ALA B 356 -17.78 -10.47 20.94
C ALA B 356 -19.04 -10.38 20.05
N HIS B 357 -18.89 -10.40 18.73
CA HIS B 357 -20.09 -10.32 17.87
C HIS B 357 -20.92 -11.60 17.98
N ALA B 358 -20.27 -12.77 18.06
CA ALA B 358 -21.01 -14.05 18.24
C ALA B 358 -21.75 -14.02 19.58
N LEU B 359 -21.13 -13.44 20.61
CA LEU B 359 -21.78 -13.40 21.95
C LEU B 359 -23.01 -12.49 21.86
N LYS B 360 -22.91 -11.43 21.06
N LYS B 360 -22.96 -11.43 21.06
CA LYS B 360 -24.01 -10.48 20.80
CA LYS B 360 -24.11 -10.51 20.87
C LYS B 360 -25.16 -11.19 20.07
C LYS B 360 -25.21 -11.21 20.09
N MET B 361 -24.85 -11.97 19.06
CA MET B 361 -25.84 -12.77 18.27
C MET B 361 -26.61 -13.69 19.21
N MET B 362 -25.88 -14.35 20.12
CA MET B 362 -26.49 -15.26 21.11
C MET B 362 -27.34 -14.44 22.09
N ARG B 363 -26.75 -13.44 22.73
CA ARG B 363 -27.39 -12.75 23.87
C ARG B 363 -28.62 -11.96 23.43
N GLU B 364 -28.58 -11.36 22.24
CA GLU B 364 -29.70 -10.55 21.73
C GLU B 364 -30.90 -11.45 21.49
N GLN B 365 -30.69 -12.68 21.06
CA GLN B 365 -31.76 -13.60 20.57
C GLN B 365 -31.46 -15.00 21.10
N PRO B 366 -31.58 -15.18 22.44
CA PRO B 366 -31.12 -16.39 23.10
C PRO B 366 -31.98 -17.61 22.84
N GLU B 367 -33.17 -17.43 22.26
CA GLU B 367 -34.05 -18.56 21.90
C GLU B 367 -33.93 -18.84 20.40
N LYS B 368 -33.03 -18.15 19.69
CA LYS B 368 -32.80 -18.43 18.26
C LYS B 368 -31.81 -19.59 18.16
N GLU B 369 -32.24 -20.63 17.44
CA GLU B 369 -31.41 -21.79 17.13
C GLU B 369 -30.36 -21.36 16.12
N GLN B 370 -29.10 -21.46 16.50
CA GLN B 370 -28.06 -21.04 15.52
C GLN B 370 -26.78 -21.79 15.79
N LEU B 371 -26.13 -22.16 14.72
CA LEU B 371 -24.82 -22.89 14.75
C LEU B 371 -23.78 -21.96 14.18
N LEU B 372 -22.94 -21.44 15.05
CA LEU B 372 -21.94 -20.40 14.72
C LEU B 372 -20.52 -20.94 14.85
N VAL B 373 -19.67 -20.54 13.94
CA VAL B 373 -18.22 -20.76 14.07
C VAL B 373 -17.56 -19.39 14.14
N VAL B 374 -16.78 -19.18 15.17
CA VAL B 374 -15.85 -18.05 15.29
C VAL B 374 -14.46 -18.50 14.85
N ASN B 375 -13.82 -17.71 13.98
CA ASN B 375 -12.41 -17.98 13.66
C ASN B 375 -11.57 -17.41 14.80
N LEU B 376 -10.96 -18.27 15.63
CA LEU B 376 -10.11 -17.77 16.71
C LEU B 376 -8.69 -17.60 16.17
N SER B 377 -8.53 -16.47 15.50
CA SER B 377 -7.34 -16.14 14.67
C SER B 377 -6.04 -16.25 15.47
N GLY B 378 -6.04 -16.04 16.79
CA GLY B 378 -4.77 -16.09 17.52
C GLY B 378 -4.96 -16.21 18.99
N ARG B 379 -3.84 -16.44 19.67
N ARG B 379 -3.89 -16.55 19.70
CA ARG B 379 -3.77 -16.54 21.15
CA ARG B 379 -3.91 -16.56 21.20
C ARG B 379 -3.43 -15.16 21.72
C ARG B 379 -3.49 -15.18 21.72
N GLY B 380 -3.82 -14.91 22.99
CA GLY B 380 -3.77 -13.57 23.59
C GLY B 380 -2.72 -13.37 24.67
N ASP B 381 -1.78 -14.30 24.82
CA ASP B 381 -0.56 -14.12 25.68
C ASP B 381 -0.03 -12.70 25.48
N LYS B 382 0.14 -12.28 24.23
CA LYS B 382 0.72 -10.97 23.81
C LYS B 382 -0.09 -9.80 24.35
N ASP B 383 -1.36 -10.01 24.69
CA ASP B 383 -2.31 -8.93 25.05
C ASP B 383 -2.50 -8.79 26.58
N ILE B 384 -1.86 -9.62 27.40
CA ILE B 384 -2.24 -9.65 28.85
C ILE B 384 -1.79 -8.33 29.51
N PHE B 385 -0.69 -7.71 29.10
CA PHE B 385 -0.24 -6.43 29.71
C PHE B 385 -1.20 -5.29 29.29
N THR B 386 -1.64 -5.27 28.04
CA THR B 386 -2.65 -4.31 27.57
C THR B 386 -3.91 -4.47 28.40
N VAL B 387 -4.40 -5.70 28.57
CA VAL B 387 -5.67 -5.94 29.29
C VAL B 387 -5.48 -5.57 30.77
N HIS B 388 -4.36 -6.00 31.36
CA HIS B 388 -3.99 -5.74 32.77
C HIS B 388 -4.07 -4.22 33.02
N ASP B 389 -3.40 -3.43 32.20
CA ASP B 389 -3.30 -1.96 32.37
C ASP B 389 -4.69 -1.31 32.27
N ILE B 390 -5.55 -1.76 31.36
CA ILE B 390 -6.90 -1.13 31.21
C ILE B 390 -7.74 -1.49 32.43
N LEU B 391 -7.67 -2.73 32.91
CA LEU B 391 -8.54 -3.25 34.00
C LEU B 391 -8.14 -2.59 35.33
N LYS B 392 -6.85 -2.38 35.59
CA LYS B 392 -6.40 -1.76 36.86
C LYS B 392 -6.79 -0.27 36.81
N ALA B 393 -6.74 0.35 35.61
CA ALA B 393 -6.98 1.80 35.42
C ALA B 393 -8.47 2.14 35.45
N ARG B 394 -9.40 1.17 35.47
CA ARG B 394 -10.85 1.45 35.63
C ARG B 394 -11.36 0.79 36.92
N GLY B 395 -10.44 0.49 37.85
CA GLY B 395 -10.76 -0.08 39.17
C GLY B 395 -11.22 -1.52 39.07
N GLU B 396 -10.50 -2.33 38.30
CA GLU B 396 -10.70 -3.80 38.10
C GLU B 396 -12.04 -4.10 37.39
N ILE B 397 -12.70 -3.12 36.76
CA ILE B 397 -13.99 -3.32 36.02
C ILE B 397 -13.68 -4.11 34.73
CL CL C . 6.89 31.80 -18.85
CL CL D . 2.45 10.72 -28.31
CL CL E . 8.56 9.38 -9.68
CL CL F . -2.32 18.92 5.50
CL CL G . -0.74 0.53 -27.82
CL CL H . 10.31 13.67 -10.42
CL CL H . 10.92 13.39 -8.42
S DMS I . -8.73 19.50 -6.10
O DMS I . -8.78 18.03 -5.79
C1 DMS I . -7.66 20.21 -4.88
C2 DMS I . -7.64 19.67 -7.49
S DMS J . 9.55 2.99 -6.21
O DMS J . 8.40 2.83 -5.25
C1 DMS J . 9.11 4.30 -7.32
C2 DMS J . 10.82 3.83 -5.32
S DMS K . 5.84 14.70 -3.28
O DMS K . 5.85 16.20 -3.41
C1 DMS K . 4.21 14.22 -2.77
C2 DMS K . 5.84 14.01 -4.90
S DMS L . -10.91 4.31 -11.73
O DMS L . -11.15 2.82 -11.91
C1 DMS L . -11.84 4.79 -10.33
C2 DMS L . -9.31 4.45 -11.01
S DMS M . 17.36 19.37 -29.38
O DMS M . 18.30 19.01 -30.51
C1 DMS M . 16.05 18.18 -29.45
C2 DMS M . 18.13 18.79 -27.90
S DMS N . 3.67 2.21 -31.32
O DMS N . 3.80 2.81 -32.69
C1 DMS N . 2.64 3.31 -30.39
C2 DMS N . 2.52 0.88 -31.47
S DMS O . -1.72 26.94 6.12
O DMS O . -1.52 28.41 5.84
C1 DMS O . -0.49 26.12 5.14
C2 DMS O . -1.03 26.65 7.72
S DMS P . 6.71 36.56 -4.69
O DMS P . 8.17 37.00 -4.50
C1 DMS P . 6.28 37.10 -6.34
C2 DMS P . 6.82 34.83 -5.02
S DMS Q . -1.75 30.78 -2.19
O DMS Q . -2.09 29.67 -1.22
C1 DMS Q . -3.05 31.98 -2.04
C2 DMS Q . -0.48 31.77 -1.44
S DMS R . -15.10 13.65 -0.39
O DMS R . -16.42 13.03 -0.80
C1 DMS R . -14.41 14.33 -1.86
C2 DMS R . -15.49 15.18 0.43
C1 EDO S . -14.59 8.75 -5.15
O1 EDO S . -14.61 9.42 -6.38
C2 EDO S . -13.27 8.69 -4.49
O2 EDO S . -13.20 9.22 -3.17
C1 EDO T . -4.86 23.68 -19.83
O1 EDO T . -5.06 24.99 -19.27
C2 EDO T . -3.49 23.50 -20.37
O2 EDO T . -3.45 22.99 -21.68
C1 EDO U . 1.82 29.29 -24.06
O1 EDO U . 0.44 29.53 -24.22
C2 EDO U . 2.36 28.42 -25.16
O2 EDO U . 3.77 28.43 -25.32
C1 EDO V . 6.97 12.86 -33.07
O1 EDO V . 6.91 11.84 -34.06
C2 EDO V . 6.16 12.57 -31.86
O2 EDO V . 6.31 13.53 -30.82
C1 EDO W . 3.67 14.20 -28.07
O1 EDO W . 3.40 12.95 -28.68
C2 EDO W . 2.49 14.77 -27.39
O2 EDO W . 2.72 15.99 -26.70
C1 EDO X . -1.78 32.70 -18.16
O1 EDO X . -0.74 33.37 -17.49
C2 EDO X . -1.67 32.76 -19.63
O2 EDO X . -1.16 31.56 -20.20
C1 EDO Y . 9.19 27.89 7.21
O1 EDO Y . 8.73 28.75 6.16
C2 EDO Y . 10.65 27.64 7.10
O2 EDO Y . 11.12 26.37 7.56
C1 PGE Z . 27.27 18.35 -25.59
O1 PGE Z . 27.36 16.97 -25.40
C2 PGE Z . 25.94 18.86 -25.31
O2 PGE Z . 26.04 20.27 -25.07
C3 PGE Z . 26.16 20.55 -23.69
C4 PGE Z . 26.51 21.88 -23.48
O4 PGE Z . 27.58 25.66 -22.48
C6 PGE Z . 27.15 24.38 -22.85
C5 PGE Z . 27.38 23.35 -21.77
O3 PGE Z . 27.16 22.01 -22.21
C1 PEG AA . 27.88 21.59 -9.37
O1 PEG AA . 27.99 20.28 -9.91
C2 PEG AA . 27.36 22.58 -10.34
O2 PEG AA . 27.36 23.89 -9.76
C3 PEG AA . 26.26 24.10 -8.89
C4 PEG AA . 26.22 25.52 -8.47
O4 PEG AA . 25.46 25.69 -7.29
N1 PLP BA . -5.93 -11.78 14.34
C2 PLP BA . -4.69 -12.12 14.67
C2A PLP BA . -4.51 -13.03 15.83
C3 PLP BA . -3.60 -11.64 13.93
O3 PLP BA . -2.37 -12.04 14.31
C4 PLP BA . -3.82 -10.73 12.87
C4A PLP BA . -2.65 -10.30 12.07
C5 PLP BA . -5.15 -10.41 12.54
C6 PLP BA . -6.14 -10.92 13.33
C5A PLP BA . -5.55 -9.36 11.54
O4P PLP BA . -5.10 -9.62 10.19
P PLP BA . -6.10 -10.18 9.10
O1P PLP BA . -5.22 -10.07 7.86
O2P PLP BA . -7.27 -9.24 9.02
O3P PLP BA . -6.45 -11.62 9.48
CL CL CA . -22.06 -3.12 13.79
CL CL DA . -16.21 -38.73 5.04
CL CL EA . 5.18 -27.60 -12.36
CL CL FA . 15.72 1.34 0.78
CL CL GA . 0.43 -6.62 8.25
CL CL HA . -14.28 -32.87 -0.10
CL CL IA . 19.62 -17.82 6.09
CL CL JA . -18.26 -4.01 -7.20
CL CL JA . -19.91 -4.81 -6.68
S DMS KA . -26.18 -7.87 15.26
O DMS KA . -26.88 -8.83 14.32
C1 DMS KA . -27.39 -6.70 15.79
C2 DMS KA . -25.99 -8.74 16.79
S DMS LA . -1.73 -27.25 1.08
O DMS LA . -2.40 -28.02 2.19
C1 DMS LA . -2.07 -28.20 -0.38
C2 DMS LA . -2.82 -25.91 0.75
S DMS MA . -0.84 -33.69 12.59
O DMS MA . -2.23 -33.37 13.20
C1 DMS MA . 0.04 -32.17 12.68
C2 DMS MA . -0.01 -34.46 13.95
S DMS NA . -10.66 -32.09 8.78
O DMS NA . -9.69 -31.39 7.89
C1 DMS NA . -10.80 -33.73 8.10
C2 DMS NA . -9.74 -32.52 10.24
S DMS OA . -17.23 7.61 11.20
O DMS OA . -17.78 7.68 9.79
C1 DMS OA . -15.67 8.46 11.14
C2 DMS OA . -18.15 8.81 12.15
S DMS PA . -2.82 -29.74 -9.35
O DMS PA . -1.88 -29.60 -8.18
C1 DMS PA . -3.07 -31.49 -9.55
C2 DMS PA . -4.44 -29.34 -8.74
S DMS QA . -24.48 4.85 12.69
O DMS QA . -22.99 5.01 12.78
C1 DMS QA . -25.00 4.26 14.30
C2 DMS QA . -25.15 6.49 12.80
S DMS RA . -12.10 -2.66 -13.88
O DMS RA . -13.15 -3.35 -13.04
C1 DMS RA . -12.84 -2.46 -15.48
C2 DMS RA . -12.15 -0.96 -13.38
S DMS SA . -8.96 -12.46 -8.03
O DMS SA . -10.03 -12.15 -9.10
C1 DMS SA . -9.42 -13.93 -7.14
C2 DMS SA . -7.60 -13.13 -8.96
S DMS TA . -7.95 -11.79 -16.74
O DMS TA . -7.82 -12.55 -18.03
C1 DMS TA . -7.07 -10.26 -16.99
C2 DMS TA . -9.59 -11.12 -16.70
S DMS UA . -14.58 -29.60 23.92
O DMS UA . -13.39 -30.49 24.17
C1 DMS UA . -14.18 -28.01 24.60
C2 DMS UA . -14.59 -29.25 22.20
S DMS VA . -5.93 -19.44 -7.72
O DMS VA . -5.76 -20.88 -7.30
C1 DMS VA . -6.06 -19.46 -9.50
C2 DMS VA . -7.59 -18.97 -7.31
S DMS WA . 8.08 -25.33 -5.07
O DMS WA . 8.05 -24.72 -6.43
C1 DMS WA . 9.28 -26.64 -5.05
C2 DMS WA . 8.95 -24.16 -4.05
S DMS XA . -21.68 -15.83 29.26
O DMS XA . -21.39 -15.82 27.79
C1 DMS XA . -20.45 -16.85 30.02
C2 DMS XA . -21.12 -14.28 29.92
C1 EDO YA . 7.52 -16.76 -11.86
O1 EDO YA . 7.06 -15.97 -12.92
C2 EDO YA . 8.99 -16.96 -11.85
O2 EDO YA . 9.69 -16.04 -11.06
C1 EDO ZA . -21.74 -15.38 -4.52
O1 EDO ZA . -20.67 -14.67 -3.99
C2 EDO ZA . -21.54 -16.85 -4.46
O2 EDO ZA . -22.32 -17.49 -3.48
C1 EDO AB . -15.88 8.98 5.92
O1 EDO AB . -16.91 8.71 5.00
C2 EDO AB . -14.55 9.16 5.28
O2 EDO AB . -13.54 8.28 5.79
C1 EDO BB . -21.33 5.48 6.86
O1 EDO BB . -20.92 5.96 8.15
C2 EDO BB . -20.74 6.22 5.71
O2 EDO BB . -19.53 5.69 5.20
C1 EDO CB . -5.12 -25.25 -6.42
O1 EDO CB . -6.38 -24.93 -5.87
C2 EDO CB . -4.26 -25.92 -5.42
O2 EDO CB . -4.60 -27.28 -5.24
C1 EDO DB . -26.03 -14.18 0.81
O1 EDO DB . -25.73 -15.55 0.51
C2 EDO DB . -25.97 -13.85 2.24
O2 EDO DB . -26.22 -12.48 2.58
C1 EDO EB . 6.15 -3.18 -16.99
O1 EDO EB . 4.73 -3.40 -17.08
C2 EDO EB . 6.47 -2.00 -16.18
O2 EDO EB . 7.78 -1.91 -15.66
C1 EDO FB . 2.60 -5.49 11.34
O1 EDO FB . 2.98 -4.24 11.88
C2 EDO FB . 2.32 -6.47 12.39
O2 EDO FB . 1.63 -7.60 11.90
C1 EDO GB . -24.49 -9.74 10.60
O1 EDO GB . -25.66 -10.05 9.86
C2 EDO GB . -24.80 -9.43 12.01
O2 EDO GB . -24.94 -10.56 12.83
N6 V41 HB . 3.53 -0.82 -4.09
C7 V41 HB . 3.29 -2.04 -3.46
C8 V41 HB . 2.46 -2.16 -2.33
C9 V41 HB . 2.29 -3.41 -1.76
C10 V41 HB . 2.89 -4.52 -2.32
C11 V41 HB . 3.68 -4.42 -3.45
C12 V41 HB . 3.87 -3.18 -4.02
N13 V41 HB . 3.38 0.29 -3.55
C14 V41 HB . 3.63 1.42 -4.39
C15 V41 HB . 5.07 1.90 -4.26
C16 V41 HB . 2.51 2.41 -4.22
N17 V41 HB . 2.67 3.79 -4.51
N18 V41 HB . 5.98 1.02 -4.25
N19 V41 HB . 5.51 3.23 -4.18
O20 V41 HB . 1.39 2.00 -3.83
CS CS IB . -9.22 -2.38 9.44
CS CS IB . -10.93 -3.27 8.43
CS CS JB . -26.24 -24.08 24.10
#